data_472D
# 
_entry.id   472D 
# 
_audit_conform.dict_name       mmcif_pdbx.dic 
_audit_conform.dict_version    5.383 
_audit_conform.dict_location   http://mmcif.pdb.org/dictionaries/ascii/mmcif_pdbx.dic 
# 
loop_
_database_2.database_id 
_database_2.database_code 
_database_2.pdbx_database_accession 
_database_2.pdbx_DOI 
PDB   472D         pdb_0000472d 10.2210/pdb472d/pdb 
NDB   AR0022       ?            ?                   
RCSB  RCSB001330   ?            ?                   
WWPDB D_1000001330 ?            ?                   
# 
loop_
_pdbx_audit_revision_history.ordinal 
_pdbx_audit_revision_history.data_content_type 
_pdbx_audit_revision_history.major_revision 
_pdbx_audit_revision_history.minor_revision 
_pdbx_audit_revision_history.revision_date 
1 'Structure model' 1 0 2000-11-27 
2 'Structure model' 1 1 2008-04-26 
3 'Structure model' 1 2 2011-07-13 
4 'Structure model' 1 3 2023-12-27 
# 
_pdbx_audit_revision_details.ordinal             1 
_pdbx_audit_revision_details.revision_ordinal    1 
_pdbx_audit_revision_details.data_content_type   'Structure model' 
_pdbx_audit_revision_details.provider            repository 
_pdbx_audit_revision_details.type                'Initial release' 
_pdbx_audit_revision_details.description         ? 
_pdbx_audit_revision_details.details             ? 
# 
loop_
_pdbx_audit_revision_group.ordinal 
_pdbx_audit_revision_group.revision_ordinal 
_pdbx_audit_revision_group.data_content_type 
_pdbx_audit_revision_group.group 
1 2 'Structure model' 'Version format compliance' 
2 3 'Structure model' 'Version format compliance' 
3 4 'Structure model' 'Data collection'           
4 4 'Structure model' 'Database references'       
# 
loop_
_pdbx_audit_revision_category.ordinal 
_pdbx_audit_revision_category.revision_ordinal 
_pdbx_audit_revision_category.data_content_type 
_pdbx_audit_revision_category.category 
1 4 'Structure model' chem_comp_atom 
2 4 'Structure model' chem_comp_bond 
3 4 'Structure model' database_2     
# 
loop_
_pdbx_audit_revision_item.ordinal 
_pdbx_audit_revision_item.revision_ordinal 
_pdbx_audit_revision_item.data_content_type 
_pdbx_audit_revision_item.item 
1 4 'Structure model' '_database_2.pdbx_DOI'                
2 4 'Structure model' '_database_2.pdbx_database_accession' 
# 
_pdbx_database_status.status_code                     REL 
_pdbx_database_status.entry_id                        472D 
_pdbx_database_status.recvd_initial_deposition_date   1999-05-14 
_pdbx_database_status.deposit_site                    NDB 
_pdbx_database_status.process_site                    NDB 
_pdbx_database_status.status_code_sf                  REL 
_pdbx_database_status.SG_entry                        . 
_pdbx_database_status.pdb_format_compatible           Y 
_pdbx_database_status.status_code_mr                  ? 
_pdbx_database_status.status_code_cs                  ? 
_pdbx_database_status.status_code_nmr_data            ? 
_pdbx_database_status.methods_development_category    ? 
# 
loop_
_audit_author.name 
_audit_author.pdbx_ordinal 
'Deng, J.'          1 
'Sundaralingam, M.' 2 
# 
_citation.id                        primary 
_citation.title                     
;Synthesis and crystal structure of an octamer RNA r(guguuuac)/r(guaggcac) with G.G/U.U tandem wobble base pairs: comparison with other tandem G.U pairs.
;
_citation.journal_abbrev            'Nucleic Acids Res.' 
_citation.journal_volume            28 
_citation.page_first                4376 
_citation.page_last                 4381 
_citation.year                      2000 
_citation.journal_id_ASTM           NARHAD 
_citation.country                   UK 
_citation.journal_id_ISSN           0305-1048 
_citation.journal_id_CSD            0389 
_citation.book_publisher            ? 
_citation.pdbx_database_id_PubMed   11058138 
_citation.pdbx_database_id_DOI      10.1093/nar/28.21.4376 
# 
loop_
_citation_author.citation_id 
_citation_author.name 
_citation_author.ordinal 
_citation_author.identifier_ORCID 
primary 'Deng, J.'          1 ? 
primary 'Sundaralingam, M.' 2 ? 
# 
loop_
_entity.id 
_entity.type 
_entity.src_method 
_entity.pdbx_description 
_entity.formula_weight 
_entity.pdbx_number_of_molecules 
_entity.pdbx_ec 
_entity.pdbx_mutation 
_entity.pdbx_fragment 
_entity.details 
1 polymer syn 
;RNA (5'-R(*GP*UP*GP*UP*UP*UP*AP*C)-3')
;
2504.505 1  ? ? ? ? 
2 polymer syn 
;RNA (5'-R(*GP*UP*AP*GP*GP*CP*AP*C)-3')
;
2565.601 1  ? ? ? ? 
3 water   nat water                                    18.015   30 ? ? ? ? 
# 
loop_
_entity_poly.entity_id 
_entity_poly.type 
_entity_poly.nstd_linkage 
_entity_poly.nstd_monomer 
_entity_poly.pdbx_seq_one_letter_code 
_entity_poly.pdbx_seq_one_letter_code_can 
_entity_poly.pdbx_strand_id 
_entity_poly.pdbx_target_identifier 
1 polyribonucleotide no no GUGUUUAC GUGUUUAC A ? 
2 polyribonucleotide no no GUAGGCAC GUAGGCAC B ? 
# 
_pdbx_entity_nonpoly.entity_id   3 
_pdbx_entity_nonpoly.name        water 
_pdbx_entity_nonpoly.comp_id     HOH 
# 
loop_
_entity_poly_seq.entity_id 
_entity_poly_seq.num 
_entity_poly_seq.mon_id 
_entity_poly_seq.hetero 
1 1 G n 
1 2 U n 
1 3 G n 
1 4 U n 
1 5 U n 
1 6 U n 
1 7 A n 
1 8 C n 
2 1 G n 
2 2 U n 
2 3 A n 
2 4 G n 
2 5 G n 
2 6 C n 
2 7 A n 
2 8 C n 
# 
loop_
_chem_comp.id 
_chem_comp.type 
_chem_comp.mon_nstd_flag 
_chem_comp.name 
_chem_comp.pdbx_synonyms 
_chem_comp.formula 
_chem_comp.formula_weight 
A   'RNA linking' y "ADENOSINE-5'-MONOPHOSPHATE" ? 'C10 H14 N5 O7 P' 347.221 
C   'RNA linking' y "CYTIDINE-5'-MONOPHOSPHATE"  ? 'C9 H14 N3 O8 P'  323.197 
G   'RNA linking' y "GUANOSINE-5'-MONOPHOSPHATE" ? 'C10 H14 N5 O8 P' 363.221 
HOH non-polymer   . WATER                        ? 'H2 O'            18.015  
U   'RNA linking' y "URIDINE-5'-MONOPHOSPHATE"   ? 'C9 H13 N2 O9 P'  324.181 
# 
loop_
_pdbx_poly_seq_scheme.asym_id 
_pdbx_poly_seq_scheme.entity_id 
_pdbx_poly_seq_scheme.seq_id 
_pdbx_poly_seq_scheme.mon_id 
_pdbx_poly_seq_scheme.ndb_seq_num 
_pdbx_poly_seq_scheme.pdb_seq_num 
_pdbx_poly_seq_scheme.auth_seq_num 
_pdbx_poly_seq_scheme.pdb_mon_id 
_pdbx_poly_seq_scheme.auth_mon_id 
_pdbx_poly_seq_scheme.pdb_strand_id 
_pdbx_poly_seq_scheme.pdb_ins_code 
_pdbx_poly_seq_scheme.hetero 
A 1 1 G 1 1  1  G G A . n 
A 1 2 U 2 2  2  U U A . n 
A 1 3 G 3 3  3  G G A . n 
A 1 4 U 4 4  4  U U A . n 
A 1 5 U 5 5  5  U U A . n 
A 1 6 U 6 6  6  U U A . n 
A 1 7 A 7 7  7  A A A . n 
A 1 8 C 8 8  8  C C A . n 
B 2 1 G 1 9  9  G G B . n 
B 2 2 U 2 10 10 U U B . n 
B 2 3 A 3 11 11 A A B . n 
B 2 4 G 4 12 12 G G B . n 
B 2 5 G 5 13 13 G G B . n 
B 2 6 C 6 14 14 C C B . n 
B 2 7 A 7 15 15 A A B . n 
B 2 8 C 8 16 16 C C B . n 
# 
loop_
_pdbx_nonpoly_scheme.asym_id 
_pdbx_nonpoly_scheme.entity_id 
_pdbx_nonpoly_scheme.mon_id 
_pdbx_nonpoly_scheme.ndb_seq_num 
_pdbx_nonpoly_scheme.pdb_seq_num 
_pdbx_nonpoly_scheme.auth_seq_num 
_pdbx_nonpoly_scheme.pdb_mon_id 
_pdbx_nonpoly_scheme.auth_mon_id 
_pdbx_nonpoly_scheme.pdb_strand_id 
_pdbx_nonpoly_scheme.pdb_ins_code 
C 3 HOH 1  17 17 HOH HOH A . 
C 3 HOH 2  18 18 HOH HOH A . 
C 3 HOH 3  19 19 HOH HOH A . 
C 3 HOH 4  22 22 HOH HOH A . 
C 3 HOH 5  23 23 HOH HOH A . 
C 3 HOH 6  24 24 HOH HOH A . 
C 3 HOH 7  26 26 HOH HOH A . 
C 3 HOH 8  28 28 HOH HOH A . 
C 3 HOH 9  30 30 HOH HOH A . 
C 3 HOH 10 32 32 HOH HOH A . 
C 3 HOH 11 33 33 HOH HOH A . 
C 3 HOH 12 38 38 HOH HOH A . 
C 3 HOH 13 40 40 HOH HOH A . 
C 3 HOH 14 44 44 HOH HOH A . 
C 3 HOH 15 45 45 HOH HOH A . 
C 3 HOH 16 46 46 HOH HOH A . 
D 3 HOH 1  20 20 HOH HOH B . 
D 3 HOH 2  21 21 HOH HOH B . 
D 3 HOH 3  25 25 HOH HOH B . 
D 3 HOH 4  27 27 HOH HOH B . 
D 3 HOH 5  29 29 HOH HOH B . 
D 3 HOH 6  31 31 HOH HOH B . 
D 3 HOH 7  34 34 HOH HOH B . 
D 3 HOH 8  35 35 HOH HOH B . 
D 3 HOH 9  36 36 HOH HOH B . 
D 3 HOH 10 37 37 HOH HOH B . 
D 3 HOH 11 39 39 HOH HOH B . 
D 3 HOH 12 41 41 HOH HOH B . 
D 3 HOH 13 42 42 HOH HOH B . 
D 3 HOH 14 43 43 HOH HOH B . 
# 
loop_
_software.name 
_software.classification 
_software.version 
_software.citation_id 
_software.pdbx_ordinal 
X-PLOR    refinement       3.1 ? 1 
DENZO     'data reduction' .   ? 2 
SCALEPACK 'data scaling'   .   ? 3 
# 
_cell.entry_id           472D 
_cell.length_a           41.920 
_cell.length_b           41.920 
_cell.length_c           56.410 
_cell.angle_alpha        90.00 
_cell.angle_beta         90.00 
_cell.angle_gamma        120.00 
_cell.Z_PDB              9 
_cell.pdbx_unique_axis   ? 
# 
_symmetry.entry_id                         472D 
_symmetry.space_group_name_H-M             'H 3' 
_symmetry.pdbx_full_space_group_name_H-M   ? 
_symmetry.cell_setting                     ? 
_symmetry.Int_Tables_number                146 
# 
_exptl.entry_id          472D 
_exptl.method            'X-RAY DIFFRACTION' 
_exptl.crystals_number   1 
# 
_exptl_crystal.id                    1 
_exptl_crystal.density_meas          ? 
_exptl_crystal.density_Matthews      1.88 
_exptl_crystal.density_percent_sol   34.62 
_exptl_crystal.description           ? 
# 
_exptl_crystal_grow.crystal_id      1 
_exptl_crystal_grow.method          'VAPOR DIFFUSION, HANGING DROP' 
_exptl_crystal_grow.temp            ? 
_exptl_crystal_grow.temp_details    ? 
_exptl_crystal_grow.pH              7.0 
_exptl_crystal_grow.pdbx_details    
;2 MM RNA (SINGLE STRAND), 0.04 M NA CACODYLATE (PH 7.0), 5% MPD, 0.050 M MGCL2, 0.001 M COBALT HEXAMINE CHORIDE, 55% MPD IN RESERVOIR, VAPOR DIFFUSION, HANGING DROP
;
_exptl_crystal_grow.pdbx_pH_range   ? 
# 
loop_
_exptl_crystal_grow_comp.crystal_id 
_exptl_crystal_grow_comp.id 
_exptl_crystal_grow_comp.sol_id 
_exptl_crystal_grow_comp.name 
_exptl_crystal_grow_comp.volume 
_exptl_crystal_grow_comp.conc 
_exptl_crystal_grow_comp.details 
1 1 1 CACODYLATE      ? ? ? 
1 2 1 '[CO(NH3)6]CL3' ? ? ? 
1 3 1 MGCL2           ? ? ? 
1 4 1 MPD             ? ? ? 
1 5 2 MPD             ? ? ? 
# 
_diffrn.id                     1 
_diffrn.ambient_temp           293.0 
_diffrn.ambient_temp_details   ? 
_diffrn.crystal_id             1 
# 
_diffrn_detector.diffrn_id              1 
_diffrn_detector.detector               'IMAGE PLATE' 
_diffrn_detector.type                   'RIGAKU RAXIS IIC' 
_diffrn_detector.pdbx_collection_date   1998-09-16 
_diffrn_detector.details                ? 
# 
_diffrn_radiation.diffrn_id                        1 
_diffrn_radiation.wavelength_id                    1 
_diffrn_radiation.pdbx_monochromatic_or_laue_m_l   M 
_diffrn_radiation.monochromator                    GRAPHITE 
_diffrn_radiation.pdbx_diffrn_protocol             'SINGLE WAVELENGTH' 
_diffrn_radiation.pdbx_scattering_type             x-ray 
# 
_diffrn_radiation_wavelength.id           1 
_diffrn_radiation_wavelength.wavelength   1.5418 
_diffrn_radiation_wavelength.wt           1.0 
# 
_diffrn_source.diffrn_id                   1 
_diffrn_source.source                      'ROTATING ANODE' 
_diffrn_source.type                        RIGAKU 
_diffrn_source.pdbx_synchrotron_site       ? 
_diffrn_source.pdbx_synchrotron_beamline   ? 
_diffrn_source.pdbx_wavelength             1.5418 
_diffrn_source.pdbx_wavelength_list        ? 
# 
_reflns.entry_id                     472D 
_reflns.observed_criterion_sigma_I   1.0 
_reflns.observed_criterion_sigma_F   ? 
_reflns.d_resolution_low             50.0 
_reflns.d_resolution_high            1.9 
_reflns.number_obs                   2708 
_reflns.number_all                   ? 
_reflns.percent_possible_obs         98.5 
_reflns.pdbx_Rmerge_I_obs            ? 
_reflns.pdbx_Rsym_value              0.0550000 
_reflns.pdbx_netI_over_sigmaI        ? 
_reflns.B_iso_Wilson_estimate        ? 
_reflns.pdbx_redundancy              3.5 
_reflns.R_free_details               ? 
_reflns.pdbx_diffrn_id               1 
_reflns.pdbx_ordinal                 1 
# 
_refine.entry_id                                 472D 
_refine.ls_number_reflns_obs                     2708 
_refine.ls_number_reflns_all                     ? 
_refine.pdbx_ls_sigma_I                          ? 
_refine.pdbx_ls_sigma_F                          2.0 
_refine.pdbx_data_cutoff_high_absF               ? 
_refine.pdbx_data_cutoff_low_absF                ? 
_refine.pdbx_data_cutoff_high_rms_absF           ? 
_refine.ls_d_res_low                             8.0 
_refine.ls_d_res_high                            1.9 
_refine.ls_percent_reflns_obs                    95.5 
_refine.ls_R_factor_obs                          0.1980000 
_refine.ls_R_factor_all                          ? 
_refine.ls_R_factor_R_work                       0.1980000 
_refine.ls_R_factor_R_free                       0.2560000 
_refine.ls_R_factor_R_free_error                 ? 
_refine.ls_R_factor_R_free_error_details         ? 
_refine.ls_percent_reflns_R_free                 10.0 
_refine.ls_number_reflns_R_free                  288 
_refine.ls_number_parameters                     ? 
_refine.ls_number_restraints                     ? 
_refine.occupancy_min                            ? 
_refine.occupancy_max                            ? 
_refine.B_iso_mean                               ? 
_refine.aniso_B[1][1]                            ? 
_refine.aniso_B[2][2]                            ? 
_refine.aniso_B[3][3]                            ? 
_refine.aniso_B[1][2]                            ? 
_refine.aniso_B[1][3]                            ? 
_refine.aniso_B[2][3]                            ? 
_refine.solvent_model_details                    ? 
_refine.solvent_model_param_ksol                 ? 
_refine.solvent_model_param_bsol                 ? 
_refine.pdbx_ls_cross_valid_method               THROUGHOUT 
_refine.details                                  ? 
_refine.pdbx_starting_model                      ? 
_refine.pdbx_method_to_determine_struct          ? 
_refine.pdbx_isotropic_thermal_model             ? 
_refine.pdbx_stereochemistry_target_values       ? 
_refine.pdbx_stereochem_target_val_spec_case     ? 
_refine.pdbx_R_Free_selection_details            RANDOM 
_refine.pdbx_overall_ESU_R                       ? 
_refine.pdbx_overall_ESU_R_Free                  ? 
_refine.overall_SU_ML                            ? 
_refine.overall_SU_B                             ? 
_refine.ls_redundancy_reflns_obs                 ? 
_refine.pdbx_refine_id                           'X-RAY DIFFRACTION' 
_refine.pdbx_diffrn_id                           1 
_refine.pdbx_TLS_residual_ADP_flag               ? 
_refine.correlation_coeff_Fo_to_Fc               ? 
_refine.correlation_coeff_Fo_to_Fc_free          ? 
_refine.pdbx_solvent_vdw_probe_radii             ? 
_refine.pdbx_solvent_ion_probe_radii             ? 
_refine.pdbx_solvent_shrinkage_radii             ? 
_refine.pdbx_overall_phase_error                 ? 
_refine.overall_SU_R_Cruickshank_DPI             ? 
_refine.pdbx_overall_SU_R_free_Cruickshank_DPI   ? 
_refine.pdbx_overall_SU_R_Blow_DPI               ? 
_refine.pdbx_overall_SU_R_free_Blow_DPI          ? 
# 
_refine_analyze.entry_id                        472D 
_refine_analyze.Luzzati_coordinate_error_obs    0.29 
_refine_analyze.Luzzati_sigma_a_obs             ? 
_refine_analyze.Luzzati_d_res_low_obs           ? 
_refine_analyze.Luzzati_coordinate_error_free   ? 
_refine_analyze.Luzzati_sigma_a_free            ? 
_refine_analyze.Luzzati_d_res_low_free          ? 
_refine_analyze.number_disordered_residues      ? 
_refine_analyze.occupancy_sum_hydrogen          ? 
_refine_analyze.occupancy_sum_non_hydrogen      ? 
_refine_analyze.pdbx_refine_id                  'X-RAY DIFFRACTION' 
# 
_refine_hist.pdbx_refine_id                   'X-RAY DIFFRACTION' 
_refine_hist.cycle_id                         LAST 
_refine_hist.pdbx_number_atoms_protein        0 
_refine_hist.pdbx_number_atoms_nucleic_acid   335 
_refine_hist.pdbx_number_atoms_ligand         0 
_refine_hist.number_atoms_solvent             34 
_refine_hist.number_atoms_total               369 
_refine_hist.d_res_high                       1.9 
_refine_hist.d_res_low                        8.0 
# 
loop_
_refine_ls_restr.type 
_refine_ls_restr.dev_ideal 
_refine_ls_restr.dev_ideal_target 
_refine_ls_restr.weight 
_refine_ls_restr.number 
_refine_ls_restr.pdbx_refine_id 
_refine_ls_restr.pdbx_restraint_function 
x_bond_d                0.01 ? ? ? 'X-RAY DIFFRACTION' ? 
x_bond_d_na             ?    ? ? ? 'X-RAY DIFFRACTION' ? 
x_bond_d_prot           ?    ? ? ? 'X-RAY DIFFRACTION' ? 
x_angle_d               ?    ? ? ? 'X-RAY DIFFRACTION' ? 
x_angle_d_na            ?    ? ? ? 'X-RAY DIFFRACTION' ? 
x_angle_d_prot          ?    ? ? ? 'X-RAY DIFFRACTION' ? 
x_angle_deg             1.39 ? ? ? 'X-RAY DIFFRACTION' ? 
x_angle_deg_na          ?    ? ? ? 'X-RAY DIFFRACTION' ? 
x_angle_deg_prot        ?    ? ? ? 'X-RAY DIFFRACTION' ? 
x_dihedral_angle_d      ?    ? ? ? 'X-RAY DIFFRACTION' ? 
x_dihedral_angle_d_na   ?    ? ? ? 'X-RAY DIFFRACTION' ? 
x_dihedral_angle_d_prot ?    ? ? ? 'X-RAY DIFFRACTION' ? 
x_improper_angle_d      ?    ? ? ? 'X-RAY DIFFRACTION' ? 
x_improper_angle_d_na   ?    ? ? ? 'X-RAY DIFFRACTION' ? 
x_improper_angle_d_prot ?    ? ? ? 'X-RAY DIFFRACTION' ? 
x_mcbond_it             ?    ? ? ? 'X-RAY DIFFRACTION' ? 
x_mcangle_it            ?    ? ? ? 'X-RAY DIFFRACTION' ? 
x_scbond_it             ?    ? ? ? 'X-RAY DIFFRACTION' ? 
x_scangle_it            ?    ? ? ? 'X-RAY DIFFRACTION' ? 
# 
_struct.entry_id                  472D 
_struct.title                     'STRUCTURE OF AN OCTAMER RNA WITH TANDEM GG/UU MISPAIRS' 
_struct.pdbx_model_details        ? 
_struct.pdbx_CASP_flag            ? 
_struct.pdbx_model_type_details   ? 
# 
_struct_keywords.entry_id        472D 
_struct_keywords.pdbx_keywords   RNA 
_struct_keywords.text            'GG/UU MISPAIRS, RIBONUCLEIC ACID, RNA' 
# 
loop_
_struct_asym.id 
_struct_asym.pdbx_blank_PDB_chainid_flag 
_struct_asym.pdbx_modified 
_struct_asym.entity_id 
_struct_asym.details 
A N N 1 ? 
B N N 2 ? 
C N N 3 ? 
D N N 3 ? 
# 
loop_
_struct_ref.id 
_struct_ref.entity_id 
_struct_ref.db_name 
_struct_ref.db_code 
_struct_ref.pdbx_db_accession 
_struct_ref.pdbx_db_isoform 
_struct_ref.pdbx_seq_one_letter_code 
_struct_ref.pdbx_align_begin 
1 1 PDB 472D 472D ? ? ? 
2 2 PDB 472D 472D ? ? ? 
# 
loop_
_struct_ref_seq.align_id 
_struct_ref_seq.ref_id 
_struct_ref_seq.pdbx_PDB_id_code 
_struct_ref_seq.pdbx_strand_id 
_struct_ref_seq.seq_align_beg 
_struct_ref_seq.pdbx_seq_align_beg_ins_code 
_struct_ref_seq.seq_align_end 
_struct_ref_seq.pdbx_seq_align_end_ins_code 
_struct_ref_seq.pdbx_db_accession 
_struct_ref_seq.db_align_beg 
_struct_ref_seq.pdbx_db_align_beg_ins_code 
_struct_ref_seq.db_align_end 
_struct_ref_seq.pdbx_db_align_end_ins_code 
_struct_ref_seq.pdbx_auth_seq_align_beg 
_struct_ref_seq.pdbx_auth_seq_align_end 
1 1 472D A 1 ? 8 ? 472D 1 ? 8  ? 1 8  
2 2 472D B 1 ? 8 ? 472D 9 ? 16 ? 9 16 
# 
_pdbx_struct_assembly.id                   1 
_pdbx_struct_assembly.details              author_defined_assembly 
_pdbx_struct_assembly.method_details       ? 
_pdbx_struct_assembly.oligomeric_details   dimeric 
_pdbx_struct_assembly.oligomeric_count     2 
# 
_pdbx_struct_assembly_gen.assembly_id       1 
_pdbx_struct_assembly_gen.oper_expression   1 
_pdbx_struct_assembly_gen.asym_id_list      A,B,C,D 
# 
_pdbx_struct_oper_list.id                   1 
_pdbx_struct_oper_list.type                 'identity operation' 
_pdbx_struct_oper_list.name                 1_555 
_pdbx_struct_oper_list.symmetry_operation   x,y,z 
_pdbx_struct_oper_list.matrix[1][1]         1.0000000000 
_pdbx_struct_oper_list.matrix[1][2]         0.0000000000 
_pdbx_struct_oper_list.matrix[1][3]         0.0000000000 
_pdbx_struct_oper_list.vector[1]            0.0000000000 
_pdbx_struct_oper_list.matrix[2][1]         0.0000000000 
_pdbx_struct_oper_list.matrix[2][2]         1.0000000000 
_pdbx_struct_oper_list.matrix[2][3]         0.0000000000 
_pdbx_struct_oper_list.vector[2]            0.0000000000 
_pdbx_struct_oper_list.matrix[3][1]         0.0000000000 
_pdbx_struct_oper_list.matrix[3][2]         0.0000000000 
_pdbx_struct_oper_list.matrix[3][3]         1.0000000000 
_pdbx_struct_oper_list.vector[3]            0.0000000000 
# 
_struct_biol.id                    1 
_struct_biol.pdbx_parent_biol_id   ? 
_struct_biol.details               ? 
# 
loop_
_struct_conn.id 
_struct_conn.conn_type_id 
_struct_conn.pdbx_leaving_atom_flag 
_struct_conn.pdbx_PDB_id 
_struct_conn.ptnr1_label_asym_id 
_struct_conn.ptnr1_label_comp_id 
_struct_conn.ptnr1_label_seq_id 
_struct_conn.ptnr1_label_atom_id 
_struct_conn.pdbx_ptnr1_label_alt_id 
_struct_conn.pdbx_ptnr1_PDB_ins_code 
_struct_conn.pdbx_ptnr1_standard_comp_id 
_struct_conn.ptnr1_symmetry 
_struct_conn.ptnr2_label_asym_id 
_struct_conn.ptnr2_label_comp_id 
_struct_conn.ptnr2_label_seq_id 
_struct_conn.ptnr2_label_atom_id 
_struct_conn.pdbx_ptnr2_label_alt_id 
_struct_conn.pdbx_ptnr2_PDB_ins_code 
_struct_conn.ptnr1_auth_asym_id 
_struct_conn.ptnr1_auth_comp_id 
_struct_conn.ptnr1_auth_seq_id 
_struct_conn.ptnr2_auth_asym_id 
_struct_conn.ptnr2_auth_comp_id 
_struct_conn.ptnr2_auth_seq_id 
_struct_conn.ptnr2_symmetry 
_struct_conn.pdbx_ptnr3_label_atom_id 
_struct_conn.pdbx_ptnr3_label_seq_id 
_struct_conn.pdbx_ptnr3_label_comp_id 
_struct_conn.pdbx_ptnr3_label_asym_id 
_struct_conn.pdbx_ptnr3_label_alt_id 
_struct_conn.pdbx_ptnr3_PDB_ins_code 
_struct_conn.details 
_struct_conn.pdbx_dist_value 
_struct_conn.pdbx_value_order 
_struct_conn.pdbx_role 
hydrog1  hydrog ? ? A G 1 N1 ? ? ? 1_555 B C 8 N3 ? ? A G 1 B C 16 1_555 ? ? ? ? ? ? WATSON-CRICK ? ? ? 
hydrog2  hydrog ? ? A G 1 N2 ? ? ? 1_555 B C 8 O2 ? ? A G 1 B C 16 1_555 ? ? ? ? ? ? WATSON-CRICK ? ? ? 
hydrog3  hydrog ? ? A G 1 O6 ? ? ? 1_555 B C 8 N4 ? ? A G 1 B C 16 1_555 ? ? ? ? ? ? WATSON-CRICK ? ? ? 
hydrog4  hydrog ? ? A U 2 N3 ? ? ? 1_555 B A 7 N1 ? ? A U 2 B A 15 1_555 ? ? ? ? ? ? WATSON-CRICK ? ? ? 
hydrog5  hydrog ? ? A U 2 O4 ? ? ? 1_555 B A 7 N6 ? ? A U 2 B A 15 1_555 ? ? ? ? ? ? WATSON-CRICK ? ? ? 
hydrog6  hydrog ? ? A G 3 N1 ? ? ? 1_555 B C 6 N3 ? ? A G 3 B C 14 1_555 ? ? ? ? ? ? WATSON-CRICK ? ? ? 
hydrog7  hydrog ? ? A G 3 N2 ? ? ? 1_555 B C 6 O2 ? ? A G 3 B C 14 1_555 ? ? ? ? ? ? WATSON-CRICK ? ? ? 
hydrog8  hydrog ? ? A G 3 O6 ? ? ? 1_555 B C 6 N4 ? ? A G 3 B C 14 1_555 ? ? ? ? ? ? WATSON-CRICK ? ? ? 
hydrog9  hydrog ? ? A U 4 N3 ? ? ? 1_555 B G 5 O6 ? ? A U 4 B G 13 1_555 ? ? ? ? ? ? TYPE_28_PAIR ? ? ? 
hydrog10 hydrog ? ? A U 4 O2 ? ? ? 1_555 B G 5 N1 ? ? A U 4 B G 13 1_555 ? ? ? ? ? ? TYPE_28_PAIR ? ? ? 
hydrog11 hydrog ? ? A U 5 N3 ? ? ? 1_555 B G 4 O6 ? ? A U 5 B G 12 1_555 ? ? ? ? ? ? TYPE_28_PAIR ? ? ? 
hydrog12 hydrog ? ? A U 5 O2 ? ? ? 1_555 B G 4 N1 ? ? A U 5 B G 12 1_555 ? ? ? ? ? ? TYPE_28_PAIR ? ? ? 
hydrog13 hydrog ? ? A U 6 N3 ? ? ? 1_555 B A 3 N1 ? ? A U 6 B A 11 1_555 ? ? ? ? ? ? WATSON-CRICK ? ? ? 
hydrog14 hydrog ? ? A U 6 O4 ? ? ? 1_555 B A 3 N6 ? ? A U 6 B A 11 1_555 ? ? ? ? ? ? WATSON-CRICK ? ? ? 
hydrog15 hydrog ? ? A A 7 N1 ? ? ? 1_555 B U 2 N3 ? ? A A 7 B U 10 1_555 ? ? ? ? ? ? WATSON-CRICK ? ? ? 
hydrog16 hydrog ? ? A A 7 N6 ? ? ? 1_555 B U 2 O4 ? ? A A 7 B U 10 1_555 ? ? ? ? ? ? WATSON-CRICK ? ? ? 
hydrog17 hydrog ? ? A C 8 N3 ? ? ? 1_555 B G 1 N1 ? ? A C 8 B G 9  1_555 ? ? ? ? ? ? WATSON-CRICK ? ? ? 
hydrog18 hydrog ? ? A C 8 N4 ? ? ? 1_555 B G 1 O6 ? ? A C 8 B G 9  1_555 ? ? ? ? ? ? WATSON-CRICK ? ? ? 
hydrog19 hydrog ? ? A C 8 O2 ? ? ? 1_555 B G 1 N2 ? ? A C 8 B G 9  1_555 ? ? ? ? ? ? WATSON-CRICK ? ? ? 
# 
_struct_conn_type.id          hydrog 
_struct_conn_type.criteria    ? 
_struct_conn_type.reference   ? 
# 
_pdbx_validate_rmsd_bond.id                        1 
_pdbx_validate_rmsd_bond.PDB_model_num             1 
_pdbx_validate_rmsd_bond.auth_atom_id_1            C5 
_pdbx_validate_rmsd_bond.auth_asym_id_1            B 
_pdbx_validate_rmsd_bond.auth_comp_id_1            G 
_pdbx_validate_rmsd_bond.auth_seq_id_1             13 
_pdbx_validate_rmsd_bond.PDB_ins_code_1            ? 
_pdbx_validate_rmsd_bond.label_alt_id_1            ? 
_pdbx_validate_rmsd_bond.auth_atom_id_2            C6 
_pdbx_validate_rmsd_bond.auth_asym_id_2            B 
_pdbx_validate_rmsd_bond.auth_comp_id_2            G 
_pdbx_validate_rmsd_bond.auth_seq_id_2             13 
_pdbx_validate_rmsd_bond.PDB_ins_code_2            ? 
_pdbx_validate_rmsd_bond.label_alt_id_2            ? 
_pdbx_validate_rmsd_bond.bond_value                1.503 
_pdbx_validate_rmsd_bond.bond_target_value         1.419 
_pdbx_validate_rmsd_bond.bond_deviation            0.084 
_pdbx_validate_rmsd_bond.bond_standard_deviation   0.010 
_pdbx_validate_rmsd_bond.linker_flag               N 
# 
_pdbx_validate_planes.id              1 
_pdbx_validate_planes.PDB_model_num   1 
_pdbx_validate_planes.auth_comp_id    U 
_pdbx_validate_planes.auth_asym_id    A 
_pdbx_validate_planes.auth_seq_id     6 
_pdbx_validate_planes.PDB_ins_code    ? 
_pdbx_validate_planes.label_alt_id    ? 
_pdbx_validate_planes.rmsd            0.067 
_pdbx_validate_planes.type            'SIDE CHAIN' 
# 
_pdbx_struct_special_symmetry.id              1 
_pdbx_struct_special_symmetry.PDB_model_num   1 
_pdbx_struct_special_symmetry.auth_asym_id    A 
_pdbx_struct_special_symmetry.auth_comp_id    HOH 
_pdbx_struct_special_symmetry.auth_seq_id     32 
_pdbx_struct_special_symmetry.PDB_ins_code    ? 
_pdbx_struct_special_symmetry.label_asym_id   C 
_pdbx_struct_special_symmetry.label_comp_id   HOH 
_pdbx_struct_special_symmetry.label_seq_id    . 
# 
loop_
_chem_comp_atom.comp_id 
_chem_comp_atom.atom_id 
_chem_comp_atom.type_symbol 
_chem_comp_atom.pdbx_aromatic_flag 
_chem_comp_atom.pdbx_stereo_config 
_chem_comp_atom.pdbx_ordinal 
A   OP3    O N N 1   
A   P      P N N 2   
A   OP1    O N N 3   
A   OP2    O N N 4   
A   "O5'"  O N N 5   
A   "C5'"  C N N 6   
A   "C4'"  C N R 7   
A   "O4'"  O N N 8   
A   "C3'"  C N S 9   
A   "O3'"  O N N 10  
A   "C2'"  C N R 11  
A   "O2'"  O N N 12  
A   "C1'"  C N R 13  
A   N9     N Y N 14  
A   C8     C Y N 15  
A   N7     N Y N 16  
A   C5     C Y N 17  
A   C6     C Y N 18  
A   N6     N N N 19  
A   N1     N Y N 20  
A   C2     C Y N 21  
A   N3     N Y N 22  
A   C4     C Y N 23  
A   HOP3   H N N 24  
A   HOP2   H N N 25  
A   "H5'"  H N N 26  
A   "H5''" H N N 27  
A   "H4'"  H N N 28  
A   "H3'"  H N N 29  
A   "HO3'" H N N 30  
A   "H2'"  H N N 31  
A   "HO2'" H N N 32  
A   "H1'"  H N N 33  
A   H8     H N N 34  
A   H61    H N N 35  
A   H62    H N N 36  
A   H2     H N N 37  
C   OP3    O N N 38  
C   P      P N N 39  
C   OP1    O N N 40  
C   OP2    O N N 41  
C   "O5'"  O N N 42  
C   "C5'"  C N N 43  
C   "C4'"  C N R 44  
C   "O4'"  O N N 45  
C   "C3'"  C N S 46  
C   "O3'"  O N N 47  
C   "C2'"  C N R 48  
C   "O2'"  O N N 49  
C   "C1'"  C N R 50  
C   N1     N N N 51  
C   C2     C N N 52  
C   O2     O N N 53  
C   N3     N N N 54  
C   C4     C N N 55  
C   N4     N N N 56  
C   C5     C N N 57  
C   C6     C N N 58  
C   HOP3   H N N 59  
C   HOP2   H N N 60  
C   "H5'"  H N N 61  
C   "H5''" H N N 62  
C   "H4'"  H N N 63  
C   "H3'"  H N N 64  
C   "HO3'" H N N 65  
C   "H2'"  H N N 66  
C   "HO2'" H N N 67  
C   "H1'"  H N N 68  
C   H41    H N N 69  
C   H42    H N N 70  
C   H5     H N N 71  
C   H6     H N N 72  
G   OP3    O N N 73  
G   P      P N N 74  
G   OP1    O N N 75  
G   OP2    O N N 76  
G   "O5'"  O N N 77  
G   "C5'"  C N N 78  
G   "C4'"  C N R 79  
G   "O4'"  O N N 80  
G   "C3'"  C N S 81  
G   "O3'"  O N N 82  
G   "C2'"  C N R 83  
G   "O2'"  O N N 84  
G   "C1'"  C N R 85  
G   N9     N Y N 86  
G   C8     C Y N 87  
G   N7     N Y N 88  
G   C5     C Y N 89  
G   C6     C N N 90  
G   O6     O N N 91  
G   N1     N N N 92  
G   C2     C N N 93  
G   N2     N N N 94  
G   N3     N N N 95  
G   C4     C Y N 96  
G   HOP3   H N N 97  
G   HOP2   H N N 98  
G   "H5'"  H N N 99  
G   "H5''" H N N 100 
G   "H4'"  H N N 101 
G   "H3'"  H N N 102 
G   "HO3'" H N N 103 
G   "H2'"  H N N 104 
G   "HO2'" H N N 105 
G   "H1'"  H N N 106 
G   H8     H N N 107 
G   H1     H N N 108 
G   H21    H N N 109 
G   H22    H N N 110 
HOH O      O N N 111 
HOH H1     H N N 112 
HOH H2     H N N 113 
U   OP3    O N N 114 
U   P      P N N 115 
U   OP1    O N N 116 
U   OP2    O N N 117 
U   "O5'"  O N N 118 
U   "C5'"  C N N 119 
U   "C4'"  C N R 120 
U   "O4'"  O N N 121 
U   "C3'"  C N S 122 
U   "O3'"  O N N 123 
U   "C2'"  C N R 124 
U   "O2'"  O N N 125 
U   "C1'"  C N R 126 
U   N1     N N N 127 
U   C2     C N N 128 
U   O2     O N N 129 
U   N3     N N N 130 
U   C4     C N N 131 
U   O4     O N N 132 
U   C5     C N N 133 
U   C6     C N N 134 
U   HOP3   H N N 135 
U   HOP2   H N N 136 
U   "H5'"  H N N 137 
U   "H5''" H N N 138 
U   "H4'"  H N N 139 
U   "H3'"  H N N 140 
U   "HO3'" H N N 141 
U   "H2'"  H N N 142 
U   "HO2'" H N N 143 
U   "H1'"  H N N 144 
U   H3     H N N 145 
U   H5     H N N 146 
U   H6     H N N 147 
# 
loop_
_chem_comp_bond.comp_id 
_chem_comp_bond.atom_id_1 
_chem_comp_bond.atom_id_2 
_chem_comp_bond.value_order 
_chem_comp_bond.pdbx_aromatic_flag 
_chem_comp_bond.pdbx_stereo_config 
_chem_comp_bond.pdbx_ordinal 
A   OP3   P      sing N N 1   
A   OP3   HOP3   sing N N 2   
A   P     OP1    doub N N 3   
A   P     OP2    sing N N 4   
A   P     "O5'"  sing N N 5   
A   OP2   HOP2   sing N N 6   
A   "O5'" "C5'"  sing N N 7   
A   "C5'" "C4'"  sing N N 8   
A   "C5'" "H5'"  sing N N 9   
A   "C5'" "H5''" sing N N 10  
A   "C4'" "O4'"  sing N N 11  
A   "C4'" "C3'"  sing N N 12  
A   "C4'" "H4'"  sing N N 13  
A   "O4'" "C1'"  sing N N 14  
A   "C3'" "O3'"  sing N N 15  
A   "C3'" "C2'"  sing N N 16  
A   "C3'" "H3'"  sing N N 17  
A   "O3'" "HO3'" sing N N 18  
A   "C2'" "O2'"  sing N N 19  
A   "C2'" "C1'"  sing N N 20  
A   "C2'" "H2'"  sing N N 21  
A   "O2'" "HO2'" sing N N 22  
A   "C1'" N9     sing N N 23  
A   "C1'" "H1'"  sing N N 24  
A   N9    C8     sing Y N 25  
A   N9    C4     sing Y N 26  
A   C8    N7     doub Y N 27  
A   C8    H8     sing N N 28  
A   N7    C5     sing Y N 29  
A   C5    C6     sing Y N 30  
A   C5    C4     doub Y N 31  
A   C6    N6     sing N N 32  
A   C6    N1     doub Y N 33  
A   N6    H61    sing N N 34  
A   N6    H62    sing N N 35  
A   N1    C2     sing Y N 36  
A   C2    N3     doub Y N 37  
A   C2    H2     sing N N 38  
A   N3    C4     sing Y N 39  
C   OP3   P      sing N N 40  
C   OP3   HOP3   sing N N 41  
C   P     OP1    doub N N 42  
C   P     OP2    sing N N 43  
C   P     "O5'"  sing N N 44  
C   OP2   HOP2   sing N N 45  
C   "O5'" "C5'"  sing N N 46  
C   "C5'" "C4'"  sing N N 47  
C   "C5'" "H5'"  sing N N 48  
C   "C5'" "H5''" sing N N 49  
C   "C4'" "O4'"  sing N N 50  
C   "C4'" "C3'"  sing N N 51  
C   "C4'" "H4'"  sing N N 52  
C   "O4'" "C1'"  sing N N 53  
C   "C3'" "O3'"  sing N N 54  
C   "C3'" "C2'"  sing N N 55  
C   "C3'" "H3'"  sing N N 56  
C   "O3'" "HO3'" sing N N 57  
C   "C2'" "O2'"  sing N N 58  
C   "C2'" "C1'"  sing N N 59  
C   "C2'" "H2'"  sing N N 60  
C   "O2'" "HO2'" sing N N 61  
C   "C1'" N1     sing N N 62  
C   "C1'" "H1'"  sing N N 63  
C   N1    C2     sing N N 64  
C   N1    C6     sing N N 65  
C   C2    O2     doub N N 66  
C   C2    N3     sing N N 67  
C   N3    C4     doub N N 68  
C   C4    N4     sing N N 69  
C   C4    C5     sing N N 70  
C   N4    H41    sing N N 71  
C   N4    H42    sing N N 72  
C   C5    C6     doub N N 73  
C   C5    H5     sing N N 74  
C   C6    H6     sing N N 75  
G   OP3   P      sing N N 76  
G   OP3   HOP3   sing N N 77  
G   P     OP1    doub N N 78  
G   P     OP2    sing N N 79  
G   P     "O5'"  sing N N 80  
G   OP2   HOP2   sing N N 81  
G   "O5'" "C5'"  sing N N 82  
G   "C5'" "C4'"  sing N N 83  
G   "C5'" "H5'"  sing N N 84  
G   "C5'" "H5''" sing N N 85  
G   "C4'" "O4'"  sing N N 86  
G   "C4'" "C3'"  sing N N 87  
G   "C4'" "H4'"  sing N N 88  
G   "O4'" "C1'"  sing N N 89  
G   "C3'" "O3'"  sing N N 90  
G   "C3'" "C2'"  sing N N 91  
G   "C3'" "H3'"  sing N N 92  
G   "O3'" "HO3'" sing N N 93  
G   "C2'" "O2'"  sing N N 94  
G   "C2'" "C1'"  sing N N 95  
G   "C2'" "H2'"  sing N N 96  
G   "O2'" "HO2'" sing N N 97  
G   "C1'" N9     sing N N 98  
G   "C1'" "H1'"  sing N N 99  
G   N9    C8     sing Y N 100 
G   N9    C4     sing Y N 101 
G   C8    N7     doub Y N 102 
G   C8    H8     sing N N 103 
G   N7    C5     sing Y N 104 
G   C5    C6     sing N N 105 
G   C5    C4     doub Y N 106 
G   C6    O6     doub N N 107 
G   C6    N1     sing N N 108 
G   N1    C2     sing N N 109 
G   N1    H1     sing N N 110 
G   C2    N2     sing N N 111 
G   C2    N3     doub N N 112 
G   N2    H21    sing N N 113 
G   N2    H22    sing N N 114 
G   N3    C4     sing N N 115 
HOH O     H1     sing N N 116 
HOH O     H2     sing N N 117 
U   OP3   P      sing N N 118 
U   OP3   HOP3   sing N N 119 
U   P     OP1    doub N N 120 
U   P     OP2    sing N N 121 
U   P     "O5'"  sing N N 122 
U   OP2   HOP2   sing N N 123 
U   "O5'" "C5'"  sing N N 124 
U   "C5'" "C4'"  sing N N 125 
U   "C5'" "H5'"  sing N N 126 
U   "C5'" "H5''" sing N N 127 
U   "C4'" "O4'"  sing N N 128 
U   "C4'" "C3'"  sing N N 129 
U   "C4'" "H4'"  sing N N 130 
U   "O4'" "C1'"  sing N N 131 
U   "C3'" "O3'"  sing N N 132 
U   "C3'" "C2'"  sing N N 133 
U   "C3'" "H3'"  sing N N 134 
U   "O3'" "HO3'" sing N N 135 
U   "C2'" "O2'"  sing N N 136 
U   "C2'" "C1'"  sing N N 137 
U   "C2'" "H2'"  sing N N 138 
U   "O2'" "HO2'" sing N N 139 
U   "C1'" N1     sing N N 140 
U   "C1'" "H1'"  sing N N 141 
U   N1    C2     sing N N 142 
U   N1    C6     sing N N 143 
U   C2    O2     doub N N 144 
U   C2    N3     sing N N 145 
U   N3    C4     sing N N 146 
U   N3    H3     sing N N 147 
U   C4    O4     doub N N 148 
U   C4    C5     sing N N 149 
U   C5    C6     doub N N 150 
U   C5    H5     sing N N 151 
U   C6    H6     sing N N 152 
# 
loop_
_ndb_struct_conf_na.entry_id 
_ndb_struct_conf_na.feature 
472D 'a-form double helix'  
472D 'mismatched base pair' 
# 
loop_
_ndb_struct_na_base_pair.model_number 
_ndb_struct_na_base_pair.i_label_asym_id 
_ndb_struct_na_base_pair.i_label_comp_id 
_ndb_struct_na_base_pair.i_label_seq_id 
_ndb_struct_na_base_pair.i_symmetry 
_ndb_struct_na_base_pair.j_label_asym_id 
_ndb_struct_na_base_pair.j_label_comp_id 
_ndb_struct_na_base_pair.j_label_seq_id 
_ndb_struct_na_base_pair.j_symmetry 
_ndb_struct_na_base_pair.shear 
_ndb_struct_na_base_pair.stretch 
_ndb_struct_na_base_pair.stagger 
_ndb_struct_na_base_pair.buckle 
_ndb_struct_na_base_pair.propeller 
_ndb_struct_na_base_pair.opening 
_ndb_struct_na_base_pair.pair_number 
_ndb_struct_na_base_pair.pair_name 
_ndb_struct_na_base_pair.i_auth_asym_id 
_ndb_struct_na_base_pair.i_auth_seq_id 
_ndb_struct_na_base_pair.i_PDB_ins_code 
_ndb_struct_na_base_pair.j_auth_asym_id 
_ndb_struct_na_base_pair.j_auth_seq_id 
_ndb_struct_na_base_pair.j_PDB_ins_code 
_ndb_struct_na_base_pair.hbond_type_28 
_ndb_struct_na_base_pair.hbond_type_12 
1 A G 1 1_555 B C 8 1_555 -0.348 -0.206 0.253  3.808  -15.464 0.046  1 A_G1:C16_B A 1 ? B 16 ? 19 1 
1 A U 2 1_555 B A 7 1_555 -0.078 -0.172 0.343  1.034  -13.828 2.717  2 A_U2:A15_B A 2 ? B 15 ? 20 1 
1 A G 3 1_555 B C 6 1_555 -0.279 -0.113 0.060  -3.745 -20.847 1.889  3 A_G3:C14_B A 3 ? B 14 ? 19 1 
1 A U 4 1_555 B G 5 1_555 2.008  -0.697 0.231  -6.786 -15.491 -3.438 4 A_U4:G13_B A 4 ? B 13 ? 28 1 
1 A U 5 1_555 B G 4 1_555 2.248  -0.736 0.052  -2.294 -18.918 0.697  5 A_U5:G12_B A 5 ? B 12 ? 28 1 
1 A U 6 1_555 B A 3 1_555 -0.131 -0.044 0.192  -0.681 -21.018 0.768  6 A_U6:A11_B A 6 ? B 11 ? 20 1 
1 A A 7 1_555 B U 2 1_555 0.297  -0.326 -0.107 -2.497 -18.414 -2.639 7 A_A7:U10_B A 7 ? B 10 ? 20 1 
1 A C 8 1_555 B G 1 1_555 0.436  -0.134 0.143  7.313  -16.848 2.228  8 A_C8:G9_B  A 8 ? B 9  ? 19 1 
# 
loop_
_ndb_struct_na_base_pair_step.model_number 
_ndb_struct_na_base_pair_step.i_label_asym_id_1 
_ndb_struct_na_base_pair_step.i_label_comp_id_1 
_ndb_struct_na_base_pair_step.i_label_seq_id_1 
_ndb_struct_na_base_pair_step.i_symmetry_1 
_ndb_struct_na_base_pair_step.j_label_asym_id_1 
_ndb_struct_na_base_pair_step.j_label_comp_id_1 
_ndb_struct_na_base_pair_step.j_label_seq_id_1 
_ndb_struct_na_base_pair_step.j_symmetry_1 
_ndb_struct_na_base_pair_step.i_label_asym_id_2 
_ndb_struct_na_base_pair_step.i_label_comp_id_2 
_ndb_struct_na_base_pair_step.i_label_seq_id_2 
_ndb_struct_na_base_pair_step.i_symmetry_2 
_ndb_struct_na_base_pair_step.j_label_asym_id_2 
_ndb_struct_na_base_pair_step.j_label_comp_id_2 
_ndb_struct_na_base_pair_step.j_label_seq_id_2 
_ndb_struct_na_base_pair_step.j_symmetry_2 
_ndb_struct_na_base_pair_step.shift 
_ndb_struct_na_base_pair_step.slide 
_ndb_struct_na_base_pair_step.rise 
_ndb_struct_na_base_pair_step.tilt 
_ndb_struct_na_base_pair_step.roll 
_ndb_struct_na_base_pair_step.twist 
_ndb_struct_na_base_pair_step.x_displacement 
_ndb_struct_na_base_pair_step.y_displacement 
_ndb_struct_na_base_pair_step.helical_rise 
_ndb_struct_na_base_pair_step.inclination 
_ndb_struct_na_base_pair_step.tip 
_ndb_struct_na_base_pair_step.helical_twist 
_ndb_struct_na_base_pair_step.step_number 
_ndb_struct_na_base_pair_step.step_name 
_ndb_struct_na_base_pair_step.i_auth_asym_id_1 
_ndb_struct_na_base_pair_step.i_auth_seq_id_1 
_ndb_struct_na_base_pair_step.i_PDB_ins_code_1 
_ndb_struct_na_base_pair_step.j_auth_asym_id_1 
_ndb_struct_na_base_pair_step.j_auth_seq_id_1 
_ndb_struct_na_base_pair_step.j_PDB_ins_code_1 
_ndb_struct_na_base_pair_step.i_auth_asym_id_2 
_ndb_struct_na_base_pair_step.i_auth_seq_id_2 
_ndb_struct_na_base_pair_step.i_PDB_ins_code_2 
_ndb_struct_na_base_pair_step.j_auth_asym_id_2 
_ndb_struct_na_base_pair_step.j_auth_seq_id_2 
_ndb_struct_na_base_pair_step.j_PDB_ins_code_2 
1 A G 1 1_555 B C 8 1_555 A U 2 1_555 B A 7 1_555 -0.330 -1.225 3.333 -3.185 10.836 34.319 -3.467 0.095  2.847 17.777 5.225   
36.076 1 AA_G1U2:A15C16_BB A 1 ? B 16 ? A 2 ? B 15 ? 
1 A U 2 1_555 B A 7 1_555 A G 3 1_555 B C 6 1_555 0.063  -1.543 3.225 2.219  19.004 30.468 -4.856 0.172  1.958 32.456 -3.790  
35.857 2 AA_U2G3:C14A15_BB A 2 ? B 15 ? A 3 ? B 14 ? 
1 A G 3 1_555 B C 6 1_555 A U 4 1_555 B G 5 1_555 -0.321 -0.872 3.264 -1.553 10.748 45.622 -1.965 0.279  3.005 13.634 1.970   
46.829 3 AA_G3U4:G13C14_BB A 3 ? B 14 ? A 4 ? B 13 ? 
1 A U 4 1_555 B G 5 1_555 A U 5 1_555 B G 4 1_555 -0.084 -1.734 3.036 5.968  7.406  31.732 -4.130 1.022  2.521 13.178 -10.619 
33.091 4 AA_U4U5:G12G13_BB A 4 ? B 13 ? A 5 ? B 12 ? 
1 A U 5 1_555 B G 4 1_555 A U 6 1_555 B A 3 1_555 -0.245 -1.573 2.973 1.404  9.098  22.509 -6.077 0.943  2.162 22.153 -3.418  
24.296 5 AA_U5U6:A11G12_BB A 5 ? B 12 ? A 6 ? B 11 ? 
1 A U 6 1_555 B A 3 1_555 A A 7 1_555 B U 2 1_555 -0.361 -1.248 3.243 1.073  14.864 33.003 -3.933 0.721  2.462 24.659 -1.781  
36.126 6 AA_U6A7:U10A11_BB A 6 ? B 11 ? A 7 ? B 10 ? 
1 A A 7 1_555 B U 2 1_555 A C 8 1_555 B G 1 1_555 0.238  -1.142 3.125 -1.407 5.876  34.296 -2.737 -0.596 2.884 9.869  2.363   
34.808 7 AA_A7C8:G9U10_BB  A 7 ? B 10 ? A 8 ? B 9  ? 
# 
_atom_sites.entry_id                    472D 
_atom_sites.fract_transf_matrix[1][1]   -0.01055665 
_atom_sites.fract_transf_matrix[1][2]   -0.00456960 
_atom_sites.fract_transf_matrix[1][3]   0.02502863 
_atom_sites.fract_transf_matrix[2][1]   -0.02567145 
_atom_sites.fract_transf_matrix[2][2]   -0.00964923 
_atom_sites.fract_transf_matrix[2][3]   0.00256824 
_atom_sites.fract_transf_matrix[3][1]   0.00619882 
_atom_sites.fract_transf_matrix[3][2]   -0.01660264 
_atom_sites.fract_transf_matrix[3][3]   -0.00041667 
_atom_sites.fract_transf_vector[1]      0.927400 
_atom_sites.fract_transf_vector[2]      0.248762 
_atom_sites.fract_transf_vector[3]      -0.041036 
# 
loop_
_atom_type.symbol 
C 
N 
O 
P 
# 
loop_
_atom_site.group_PDB 
_atom_site.id 
_atom_site.type_symbol 
_atom_site.label_atom_id 
_atom_site.label_alt_id 
_atom_site.label_comp_id 
_atom_site.label_asym_id 
_atom_site.label_entity_id 
_atom_site.label_seq_id 
_atom_site.pdbx_PDB_ins_code 
_atom_site.Cartn_x 
_atom_site.Cartn_y 
_atom_site.Cartn_z 
_atom_site.occupancy 
_atom_site.B_iso_or_equiv 
_atom_site.pdbx_formal_charge 
_atom_site.auth_seq_id 
_atom_site.auth_comp_id 
_atom_site.auth_asym_id 
_atom_site.auth_atom_id 
_atom_site.pdbx_PDB_model_num 
ATOM   1   O "O5'" . G   A 1 1 ? -2.531  -6.692 7.327  1.00 44.70 ? 1  G   A "O5'" 1 
ATOM   2   C "C5'" . G   A 1 1 ? -2.688  -7.193 8.613  1.00 42.52 ? 1  G   A "C5'" 1 
ATOM   3   C "C4'" . G   A 1 1 ? -1.329  -7.369 9.223  1.00 41.64 ? 1  G   A "C4'" 1 
ATOM   4   O "O4'" . G   A 1 1 ? -0.578  -8.416 8.530  1.00 41.32 ? 1  G   A "O4'" 1 
ATOM   5   C "C3'" . G   A 1 1 ? -0.438  -6.143 9.110  1.00 38.82 ? 1  G   A "C3'" 1 
ATOM   6   O "O3'" . G   A 1 1 ? -0.755  -5.230 10.152 1.00 40.79 ? 1  G   A "O3'" 1 
ATOM   7   C "C2'" . G   A 1 1 ? 0.944   -6.759 9.277  1.00 35.18 ? 1  G   A "C2'" 1 
ATOM   8   O "O2'" . G   A 1 1 ? 1.207   -7.153 10.582 1.00 35.03 ? 1  G   A "O2'" 1 
ATOM   9   C "C1'" . G   A 1 1 ? 0.800   -8.044 8.461  1.00 34.52 ? 1  G   A "C1'" 1 
ATOM   10  N N9    . G   A 1 1 ? 1.156   -7.847 7.056  1.00 31.44 ? 1  G   A N9    1 
ATOM   11  C C8    . G   A 1 1 ? 0.303   -7.780 5.977  1.00 30.85 ? 1  G   A C8    1 
ATOM   12  N N7    . G   A 1 1 ? 0.930   -7.693 4.824  1.00 26.11 ? 1  G   A N7    1 
ATOM   13  C C5    . G   A 1 1 ? 2.285   -7.685 5.163  1.00 30.05 ? 1  G   A C5    1 
ATOM   14  C C6    . G   A 1 1 ? 3.488   -7.626 4.344  1.00 28.44 ? 1  G   A C6    1 
ATOM   15  O O6    . G   A 1 1 ? 3.597   -7.621 3.105  1.00 32.15 ? 1  G   A O6    1 
ATOM   16  N N1    . G   A 1 1 ? 4.641   -7.589 5.129  1.00 24.23 ? 1  G   A N1    1 
ATOM   17  C C2    . G   A 1 1 ? 4.663   -7.650 6.495  1.00 25.55 ? 1  G   A C2    1 
ATOM   18  N N2    . G   A 1 1 ? 5.883   -7.576 7.083  1.00 25.30 ? 1  G   A N2    1 
ATOM   19  N N3    . G   A 1 1 ? 3.587   -7.766 7.254  1.00 26.63 ? 1  G   A N3    1 
ATOM   20  C C4    . G   A 1 1 ? 2.442   -7.750 6.541  1.00 29.53 ? 1  G   A C4    1 
ATOM   21  P P     . U   A 1 2 ? -0.810  -3.643 9.862  1.00 40.60 ? 2  U   A P     1 
ATOM   22  O OP1   . U   A 1 2 ? -1.394  -3.136 11.128 1.00 45.99 ? 2  U   A OP1   1 
ATOM   23  O OP2   . U   A 1 2 ? -1.485  -3.341 8.591  1.00 39.57 ? 2  U   A OP2   1 
ATOM   24  O "O5'" . U   A 1 2 ? 0.726   -3.202 9.824  1.00 39.44 ? 2  U   A "O5'" 1 
ATOM   25  C "C5'" . U   A 1 2 ? 1.552   -3.374 10.971 1.00 35.59 ? 2  U   A "C5'" 1 
ATOM   26  C "C4'" . U   A 1 2 ? 2.993   -3.058 10.654 1.00 33.20 ? 2  U   A "C4'" 1 
ATOM   27  O "O4'" . U   A 1 2 ? 3.578   -4.150 9.905  1.00 30.74 ? 2  U   A "O4'" 1 
ATOM   28  C "C3'" . U   A 1 2 ? 3.243   -1.818 9.799  1.00 32.71 ? 2  U   A "C3'" 1 
ATOM   29  O "O3'" . U   A 1 2 ? 3.241   -0.638 10.585 1.00 34.64 ? 2  U   A "O3'" 1 
ATOM   30  C "C2'" . U   A 1 2 ? 4.602   -2.129 9.188  1.00 30.27 ? 2  U   A "C2'" 1 
ATOM   31  O "O2'" . U   A 1 2 ? 5.747   -1.957 10.015 1.00 30.47 ? 2  U   A "O2'" 1 
ATOM   32  C "C1'" . U   A 1 2 ? 4.448   -3.624 8.919  1.00 31.06 ? 2  U   A "C1'" 1 
ATOM   33  N N1    . U   A 1 2 ? 3.890   -3.856 7.581  1.00 26.62 ? 2  U   A N1    1 
ATOM   34  C C2    . U   A 1 2 ? 4.785   -3.796 6.546  1.00 26.35 ? 2  U   A C2    1 
ATOM   35  O O2    . U   A 1 2 ? 5.956   -3.510 6.699  1.00 25.92 ? 2  U   A O2    1 
ATOM   36  N N3    . U   A 1 2 ? 4.273   -4.044 5.319  1.00 26.02 ? 2  U   A N3    1 
ATOM   37  C C4    . U   A 1 2 ? 2.997   -4.299 5.025  1.00 27.95 ? 2  U   A C4    1 
ATOM   38  O O4    . U   A 1 2 ? 2.719   -4.540 3.878  1.00 28.48 ? 2  U   A O4    1 
ATOM   39  C C5    . U   A 1 2 ? 2.096   -4.302 6.149  1.00 28.82 ? 2  U   A C5    1 
ATOM   40  C C6    . U   A 1 2 ? 2.577   -4.097 7.364  1.00 28.52 ? 2  U   A C6    1 
ATOM   41  P P     . G   A 1 3 ? 2.553   0.711  10.021 1.00 35.24 ? 3  G   A P     1 
ATOM   42  O OP1   . G   A 1 3 ? 2.517   1.642  11.187 1.00 38.24 ? 3  G   A OP1   1 
ATOM   43  O OP2   . G   A 1 3 ? 1.309   0.476  9.209  1.00 34.54 ? 3  G   A OP2   1 
ATOM   44  O "O5'" . G   A 1 3 ? 3.567   1.344  8.956  1.00 30.45 ? 3  G   A "O5'" 1 
ATOM   45  C "C5'" . G   A 1 3 ? 4.880   1.691  9.369  1.00 31.25 ? 3  G   A "C5'" 1 
ATOM   46  C "C4'" . G   A 1 3 ? 5.794   1.830  8.172  1.00 31.26 ? 3  G   A "C4'" 1 
ATOM   47  O "O4'" . G   A 1 3 ? 5.974   0.541  7.534  1.00 30.85 ? 3  G   A "O4'" 1 
ATOM   48  C "C3'" . G   A 1 3 ? 5.288   2.685  7.035  1.00 32.32 ? 3  G   A "C3'" 1 
ATOM   49  O "O3'" . G   A 1 3 ? 5.464   4.041  7.300  1.00 28.76 ? 3  G   A "O3'" 1 
ATOM   50  C "C2'" . G   A 1 3 ? 6.214   2.252  5.915  1.00 32.73 ? 3  G   A "C2'" 1 
ATOM   51  O "O2'" . G   A 1 3 ? 7.509   2.816  6.048  1.00 37.18 ? 3  G   A "O2'" 1 
ATOM   52  C "C1'" . G   A 1 3 ? 6.268   0.752  6.166  1.00 30.16 ? 3  G   A "C1'" 1 
ATOM   53  N N9    . G   A 1 3 ? 5.262   0.079  5.365  1.00 30.31 ? 3  G   A N9    1 
ATOM   54  C C8    . G   A 1 3 ? 4.011   -0.325 5.737  1.00 26.50 ? 3  G   A C8    1 
ATOM   55  N N7    . G   A 1 3 ? 3.359   -0.904 4.760  1.00 28.58 ? 3  G   A N7    1 
ATOM   56  C C5    . G   A 1 3 ? 4.244   -0.864 3.680  1.00 27.74 ? 3  G   A C5    1 
ATOM   57  C C6    . G   A 1 3 ? 4.102   -1.321 2.343  1.00 27.45 ? 3  G   A C6    1 
ATOM   58  O O6    . G   A 1 3 ? 3.160   -1.878 1.830  1.00 27.89 ? 3  G   A O6    1 
ATOM   59  N N1    . G   A 1 3 ? 5.230   -1.067 1.593  1.00 24.95 ? 3  G   A N1    1 
ATOM   60  C C2    . G   A 1 3 ? 6.341   -0.459 2.049  1.00 28.25 ? 3  G   A C2    1 
ATOM   61  N N2    . G   A 1 3 ? 7.351   -0.301 1.146  1.00 29.25 ? 3  G   A N2    1 
ATOM   62  N N3    . G   A 1 3 ? 6.489   -0.022 3.281  1.00 27.80 ? 3  G   A N3    1 
ATOM   63  C C4    . G   A 1 3 ? 5.410   -0.261 4.037  1.00 28.37 ? 3  G   A C4    1 
ATOM   64  P P     . U   A 1 4 ? 4.439   5.097  6.689  1.00 32.81 ? 4  U   A P     1 
ATOM   65  O OP1   . U   A 1 4 ? 4.762   6.286  7.510  1.00 32.98 ? 4  U   A OP1   1 
ATOM   66  O OP2   . U   A 1 4 ? 3.084   4.536  6.721  1.00 37.21 ? 4  U   A OP2   1 
ATOM   67  O "O5'" . U   A 1 4 ? 4.825   5.264  5.151  1.00 31.54 ? 4  U   A "O5'" 1 
ATOM   68  C "C5'" . U   A 1 4 ? 6.079   5.858  4.769  1.00 32.98 ? 4  U   A "C5'" 1 
ATOM   69  C "C4'" . U   A 1 4 ? 6.362   5.631  3.286  1.00 30.78 ? 4  U   A "C4'" 1 
ATOM   70  O "O4'" . U   A 1 4 ? 6.543   4.213  3.034  1.00 32.07 ? 4  U   A "O4'" 1 
ATOM   71  C "C3'" . U   A 1 4 ? 5.288   6.034  2.285  1.00 31.57 ? 4  U   A "C3'" 1 
ATOM   72  O "O3'" . U   A 1 4 ? 5.346   7.437  1.987  1.00 29.51 ? 4  U   A "O3'" 1 
ATOM   73  C "C2'" . U   A 1 4 ? 5.704   5.184  1.079  1.00 32.27 ? 4  U   A "C2'" 1 
ATOM   74  O "O2'" . U   A 1 4 ? 6.826   5.691  0.376  1.00 28.30 ? 4  U   A "O2'" 1 
ATOM   75  C "C1'" . U   A 1 4 ? 6.039   3.860  1.756  1.00 32.07 ? 4  U   A "C1'" 1 
ATOM   76  N N1    . U   A 1 4 ? 4.846   3.027  1.969  1.00 32.29 ? 4  U   A N1    1 
ATOM   77  C C2    . U   A 1 4 ? 4.324   2.303  0.911  1.00 32.23 ? 4  U   A C2    1 
ATOM   78  O O2    . U   A 1 4 ? 4.817   2.299  -0.201 1.00 29.96 ? 4  U   A O2    1 
ATOM   79  N N3    . U   A 1 4 ? 3.188   1.590  1.216  1.00 30.26 ? 4  U   A N3    1 
ATOM   80  C C4    . U   A 1 4 ? 2.534   1.541  2.429  1.00 34.20 ? 4  U   A C4    1 
ATOM   81  O O4    . U   A 1 4 ? 1.519   0.840  2.565  1.00 35.94 ? 4  U   A O4    1 
ATOM   82  C C5    . U   A 1 4 ? 3.140   2.311  3.462  1.00 35.31 ? 4  U   A C5    1 
ATOM   83  C C6    . U   A 1 4 ? 4.251   2.998  3.205  1.00 32.76 ? 4  U   A C6    1 
ATOM   84  P P     . U   A 1 5 ? 4.030   8.235  1.477  1.00 29.94 ? 5  U   A P     1 
ATOM   85  O OP1   . U   A 1 5 ? 4.422   9.648  1.438  1.00 33.78 ? 5  U   A OP1   1 
ATOM   86  O OP2   . U   A 1 5 ? 2.831   7.868  2.234  1.00 27.50 ? 5  U   A OP2   1 
ATOM   87  O "O5'" . U   A 1 5 ? 3.735   7.707  -0.012 1.00 27.59 ? 5  U   A "O5'" 1 
ATOM   88  C "C5'" . U   A 1 5 ? 4.565   8.055  -1.110 1.00 27.14 ? 5  U   A "C5'" 1 
ATOM   89  C "C4'" . U   A 1 5 ? 4.167   7.239  -2.326 1.00 29.13 ? 5  U   A "C4'" 1 
ATOM   90  O "O4'" . U   A 1 5 ? 4.206   5.829  -2.012 1.00 30.67 ? 5  U   A "O4'" 1 
ATOM   91  C "C3'" . U   A 1 5 ? 2.726   7.432  -2.730 1.00 30.56 ? 5  U   A "C3'" 1 
ATOM   92  O "O3'" . U   A 1 5 ? 2.648   8.645  -3.461 1.00 31.38 ? 5  U   A "O3'" 1 
ATOM   93  C "C2'" . U   A 1 5 ? 2.458   6.160  -3.524 1.00 29.02 ? 5  U   A "C2'" 1 
ATOM   94  O "O2'" . U   A 1 5 ? 3.175   6.154  -4.736 1.00 33.15 ? 5  U   A "O2'" 1 
ATOM   95  C "C1'" . U   A 1 5 ? 3.112   5.125  -2.622 1.00 30.36 ? 5  U   A "C1'" 1 
ATOM   96  N N1    . U   A 1 5 ? 2.229   4.530  -1.572 1.00 27.29 ? 5  U   A N1    1 
ATOM   97  C C2    . U   A 1 5 ? 1.447   3.449  -1.918 1.00 28.62 ? 5  U   A C2    1 
ATOM   98  O O2    . U   A 1 5 ? 1.449   2.946  -3.035 1.00 27.92 ? 5  U   A O2    1 
ATOM   99  N N3    . U   A 1 5 ? 0.641   2.973  -0.909 1.00 31.06 ? 5  U   A N3    1 
ATOM   100 C C4    . U   A 1 5 ? 0.521   3.455  0.417  1.00 31.81 ? 5  U   A C4    1 
ATOM   101 O O4    . U   A 1 5 ? -0.335  2.969  1.190  1.00 28.75 ? 5  U   A O4    1 
ATOM   102 C C5    . U   A 1 5 ? 1.369   4.555  0.706  1.00 31.86 ? 5  U   A C5    1 
ATOM   103 C C6    . U   A 1 5 ? 2.172   5.045  -0.272 1.00 33.37 ? 5  U   A C6    1 
ATOM   104 P P     . U   A 1 6 ? 1.294   9.500  -3.480 1.00 35.60 ? 6  U   A P     1 
ATOM   105 O OP1   . U   A 1 6 ? 1.708   10.822 -4.036 1.00 36.07 ? 6  U   A OP1   1 
ATOM   106 O OP2   . U   A 1 6 ? 0.605   9.464  -2.162 1.00 37.91 ? 6  U   A OP2   1 
ATOM   107 O "O5'" . U   A 1 6 ? 0.348   8.698  -4.503 1.00 35.60 ? 6  U   A "O5'" 1 
ATOM   108 C "C5'" . U   A 1 6 ? 0.629   8.688  -5.901 1.00 32.15 ? 6  U   A "C5'" 1 
ATOM   109 C "C4'" . U   A 1 6 ? -0.148  7.596  -6.608 1.00 31.84 ? 6  U   A "C4'" 1 
ATOM   110 O "O4'" . U   A 1 6 ? 0.201   6.284  -6.097 1.00 30.64 ? 6  U   A "O4'" 1 
ATOM   111 C "C3'" . U   A 1 6 ? -1.638  7.629  -6.425 1.00 33.69 ? 6  U   A "C3'" 1 
ATOM   112 O "O3'" . U   A 1 6 ? -2.210  8.549  -7.272 1.00 36.86 ? 6  U   A "O3'" 1 
ATOM   113 C "C2'" . U   A 1 6 ? -2.020  6.240  -6.848 1.00 33.71 ? 6  U   A "C2'" 1 
ATOM   114 O "O2'" . U   A 1 6 ? -1.982  6.161  -8.273 1.00 32.83 ? 6  U   A "O2'" 1 
ATOM   115 C "C1'" . U   A 1 6 ? -0.932  5.438  -6.126 1.00 30.72 ? 6  U   A "C1'" 1 
ATOM   116 N N1    . U   A 1 6 ? -1.317  5.113  -4.732 1.00 29.80 ? 6  U   A N1    1 
ATOM   117 C C2    . U   A 1 6 ? -2.105  3.999  -4.547 1.00 28.71 ? 6  U   A C2    1 
ATOM   118 O O2    . U   A 1 6 ? -2.417  3.221  -5.466 1.00 30.63 ? 6  U   A O2    1 
ATOM   119 N N3    . U   A 1 6 ? -2.509  3.798  -3.251 1.00 29.64 ? 6  U   A N3    1 
ATOM   120 C C4    . U   A 1 6 ? -2.174  4.537  -2.156 1.00 27.38 ? 6  U   A C4    1 
ATOM   121 O O4    . U   A 1 6 ? -2.375  4.033  -1.051 1.00 30.57 ? 6  U   A O4    1 
ATOM   122 C C5    . U   A 1 6 ? -1.344  5.663  -2.414 1.00 28.20 ? 6  U   A C5    1 
ATOM   123 C C6    . U   A 1 6 ? -0.944  5.911  -3.657 1.00 27.17 ? 6  U   A C6    1 
ATOM   124 P P     . A   A 1 7 ? -3.484  9.348  -6.779 1.00 39.57 ? 7  A   A P     1 
ATOM   125 O OP1   . A   A 1 7 ? -3.418  10.596 -7.599 1.00 39.91 ? 7  A   A OP1   1 
ATOM   126 O OP2   . A   A 1 7 ? -3.580  9.443  -5.294 1.00 39.24 ? 7  A   A OP2   1 
ATOM   127 O "O5'" . A   A 1 7 ? -4.694  8.385  -7.119 1.00 38.86 ? 7  A   A "O5'" 1 
ATOM   128 C "C5'" . A   A 1 7 ? -4.847  7.784  -8.393 1.00 39.43 ? 7  A   A "C5'" 1 
ATOM   129 C "C4'" . A   A 1 7 ? -5.842  6.657  -8.307 1.00 40.63 ? 7  A   A "C4'" 1 
ATOM   130 O "O4'" . A   A 1 7 ? -5.263  5.604  -7.514 1.00 39.95 ? 7  A   A "O4'" 1 
ATOM   131 C "C3'" . A   A 1 7 ? -7.173  6.938  -7.613 1.00 43.01 ? 7  A   A "C3'" 1 
ATOM   132 O "O3'" . A   A 1 7 ? -8.092  7.547  -8.501 1.00 47.46 ? 7  A   A "O3'" 1 
ATOM   133 C "C2'" . A   A 1 7 ? -7.617  5.531  -7.235 1.00 40.46 ? 7  A   A "C2'" 1 
ATOM   134 O "O2'" . A   A 1 7 ? -8.071  4.784  -8.354 1.00 42.22 ? 7  A   A "O2'" 1 
ATOM   135 C "C1'" . A   A 1 7 ? -6.280  4.931  -6.795 1.00 38.85 ? 7  A   A "C1'" 1 
ATOM   136 N N9    . A   A 1 7 ? -6.005  5.089  -5.372 1.00 35.98 ? 7  A   A N9    1 
ATOM   137 C C8    . A   A 1 7 ? -5.220  6.019  -4.752 1.00 36.02 ? 7  A   A C8    1 
ATOM   138 N N7    . A   A 1 7 ? -5.131  5.854  -3.453 1.00 36.15 ? 7  A   A N7    1 
ATOM   139 C C5    . A   A 1 7 ? -5.924  4.744  -3.211 1.00 35.15 ? 7  A   A C5    1 
ATOM   140 C C6    . A   A 1 7 ? -6.232  4.060  -2.047 1.00 35.17 ? 7  A   A C6    1 
ATOM   141 N N6    . A   A 1 7 ? -5.719  4.379  -0.838 1.00 35.45 ? 7  A   A N6    1 
ATOM   142 N N1    . A   A 1 7 ? -7.080  3.026  -2.138 1.00 33.99 ? 7  A   A N1    1 
ATOM   143 C C2    . A   A 1 7 ? -7.571  2.709  -3.331 1.00 35.75 ? 7  A   A C2    1 
ATOM   144 N N3    . A   A 1 7 ? -7.331  3.259  -4.513 1.00 33.90 ? 7  A   A N3    1 
ATOM   145 C C4    . A   A 1 7 ? -6.487  4.281  -4.379 1.00 36.02 ? 7  A   A C4    1 
ATOM   146 P P     . C   A 1 8 ? -9.079  8.687  -7.964 1.00 50.05 ? 8  C   A P     1 
ATOM   147 O OP1   . C   A 1 8 ? -9.630  9.341  -9.174 1.00 53.24 ? 8  C   A OP1   1 
ATOM   148 O OP2   . C   A 1 8 ? -8.338  9.518  -6.974 1.00 52.12 ? 8  C   A OP2   1 
ATOM   149 O "O5'" . C   A 1 8 ? -10.203 7.864  -7.174 1.00 48.06 ? 8  C   A "O5'" 1 
ATOM   150 C "C5'" . C   A 1 8 ? -10.996 6.884  -7.831 1.00 45.21 ? 8  C   A "C5'" 1 
ATOM   151 C "C4'" . C   A 1 8 ? -11.801 6.055  -6.844 1.00 44.07 ? 8  C   A "C4'" 1 
ATOM   152 O "O4'" . C   A 1 8 ? -10.935 5.145  -6.117 1.00 41.07 ? 8  C   A "O4'" 1 
ATOM   153 C "C3'" . C   A 1 8 ? -12.614 6.754  -5.770 1.00 43.57 ? 8  C   A "C3'" 1 
ATOM   154 O "O3'" . C   A 1 8 ? -13.863 7.298  -6.200 1.00 43.30 ? 8  C   A "O3'" 1 
ATOM   155 C "C2'" . C   A 1 8 ? -12.807 5.636  -4.764 1.00 42.61 ? 8  C   A "C2'" 1 
ATOM   156 O "O2'" . C   A 1 8 ? -13.777 4.695  -5.163 1.00 49.73 ? 8  C   A "O2'" 1 
ATOM   157 C "C1'" . C   A 1 8 ? -11.439 4.949  -4.815 1.00 41.50 ? 8  C   A "C1'" 1 
ATOM   158 N N1    . C   A 1 8 ? -10.480 5.544  -3.859 1.00 36.40 ? 8  C   A N1    1 
ATOM   159 C C2    . C   A 1 8 ? -10.393 4.995  -2.593 1.00 37.61 ? 8  C   A C2    1 
ATOM   160 O O2    . C   A 1 8 ? -11.129 4.004  -2.312 1.00 40.98 ? 8  C   A O2    1 
ATOM   161 N N3    . C   A 1 8 ? -9.522  5.528  -1.697 1.00 36.58 ? 8  C   A N3    1 
ATOM   162 C C4    . C   A 1 8 ? -8.764  6.573  -2.039 1.00 36.61 ? 8  C   A C4    1 
ATOM   163 N N4    . C   A 1 8 ? -7.913  7.061  -1.117 1.00 35.85 ? 8  C   A N4    1 
ATOM   164 C C5    . C   A 1 8 ? -8.836  7.159  -3.333 1.00 37.47 ? 8  C   A C5    1 
ATOM   165 C C6    . C   A 1 8 ? -9.700  6.616  -4.207 1.00 35.01 ? 8  C   A C6    1 
ATOM   166 O "O5'" . G   B 2 1 ? -7.922  1.904  7.803  1.00 51.78 ? 9  G   B "O5'" 1 
ATOM   167 C "C5'" . G   B 2 1 ? -9.101  1.294  8.364  1.00 50.58 ? 9  G   B "C5'" 1 
ATOM   168 C "C4'" . G   B 2 1 ? -10.209 1.082  7.356  1.00 48.24 ? 9  G   B "C4'" 1 
ATOM   169 O "O4'" . G   B 2 1 ? -10.642 2.356  6.815  1.00 45.80 ? 9  G   B "O4'" 1 
ATOM   170 C "C3'" . G   B 2 1 ? -9.813  0.268  6.142  1.00 49.40 ? 9  G   B "C3'" 1 
ATOM   171 O "O3'" . G   B 2 1 ? -9.962  -1.127 6.391  1.00 52.80 ? 9  G   B "O3'" 1 
ATOM   172 C "C2'" . G   B 2 1 ? -10.826 0.722  5.101  1.00 46.97 ? 9  G   B "C2'" 1 
ATOM   173 O "O2'" . G   B 2 1 ? -12.037 0.012  5.197  1.00 47.29 ? 9  G   B "O2'" 1 
ATOM   174 C "C1'" . G   B 2 1 ? -10.977 2.214  5.441  1.00 45.21 ? 9  G   B "C1'" 1 
ATOM   175 N N9    . G   B 2 1 ? -10.045 3.048  4.678  1.00 38.26 ? 9  G   B N9    1 
ATOM   176 C C8    . G   B 2 1 ? -8.880  3.619  5.163  1.00 39.01 ? 9  G   B C8    1 
ATOM   177 N N7    . G   B 2 1 ? -8.203  4.272  4.253  1.00 31.87 ? 9  G   B N7    1 
ATOM   178 C C5    . G   B 2 1 ? -8.961  4.137  3.099  1.00 35.96 ? 9  G   B C5    1 
ATOM   179 C C6    . G   B 2 1 ? -8.723  4.631  1.812  1.00 34.88 ? 9  G   B C6    1 
ATOM   180 O O6    . G   B 2 1 ? -7.797  5.329  1.432  1.00 32.61 ? 9  G   B O6    1 
ATOM   181 N N1    . G   B 2 1 ? -9.709  4.260  0.929  1.00 35.35 ? 9  G   B N1    1 
ATOM   182 C C2    . G   B 2 1 ? -10.822 3.515  1.253  1.00 37.11 ? 9  G   B C2    1 
ATOM   183 N N2    . G   B 2 1 ? -11.644 3.257  0.237  1.00 38.74 ? 9  G   B N2    1 
ATOM   184 N N3    . G   B 2 1 ? -11.088 3.057  2.467  1.00 37.05 ? 9  G   B N3    1 
ATOM   185 C C4    . G   B 2 1 ? -10.113 3.397  3.341  1.00 36.44 ? 9  G   B C4    1 
ATOM   186 P P     . U   B 2 2 ? -8.887  -2.163 5.777  1.00 54.05 ? 10 U   B P     1 
ATOM   187 O OP1   . U   B 2 2 ? -9.031  -3.529 6.393  1.00 56.62 ? 10 U   B OP1   1 
ATOM   188 O OP2   . U   B 2 2 ? -7.582  -1.435 5.897  1.00 56.12 ? 10 U   B OP2   1 
ATOM   189 O "O5'" . U   B 2 2 ? -9.350  -2.280 4.271  1.00 50.14 ? 10 U   B "O5'" 1 
ATOM   190 C "C5'" . U   B 2 2 ? -10.673 -2.664 3.976  1.00 50.51 ? 10 U   B "C5'" 1 
ATOM   191 C "C4'" . U   B 2 2 ? -10.925 -2.535 2.498  1.00 49.37 ? 10 U   B "C4'" 1 
ATOM   192 O "O4'" . U   B 2 2 ? -11.008 -1.129 2.146  1.00 48.97 ? 10 U   B "O4'" 1 
ATOM   193 C "C3'" . U   B 2 2 ? -9.836  -3.061 1.576  1.00 49.59 ? 10 U   B "C3'" 1 
ATOM   194 O "O3'" . U   B 2 2 ? -9.838  -4.490 1.419  1.00 52.33 ? 10 U   B "O3'" 1 
ATOM   195 C "C2'" . U   B 2 2 ? -10.158 -2.329 0.282  1.00 48.79 ? 10 U   B "C2'" 1 
ATOM   196 O "O2'" . U   B 2 2 ? -11.244 -2.914 -0.410 1.00 50.01 ? 10 U   B "O2'" 1 
ATOM   197 C "C1'" . U   B 2 2 ? -10.530 -0.942 0.815  1.00 47.12 ? 10 U   B "C1'" 1 
ATOM   198 N N1    . U   B 2 2 ? -9.380  -0.022 0.867  1.00 45.50 ? 10 U   B N1    1 
ATOM   199 C C2    . U   B 2 2 ? -9.110  0.772  -0.247 1.00 45.08 ? 10 U   B C2    1 
ATOM   200 O O2    . U   B 2 2 ? -9.791  0.735  -1.280 1.00 46.33 ? 10 U   B O2    1 
ATOM   201 N N3    . U   B 2 2 ? -8.013  1.603  -0.113 1.00 40.78 ? 10 U   B N3    1 
ATOM   202 C C4    . U   B 2 2 ? -7.183  1.717  0.990  1.00 42.25 ? 10 U   B C4    1 
ATOM   203 O O4    . U   B 2 2 ? -6.333  2.609  1.022  1.00 41.29 ? 10 U   B O4    1 
ATOM   204 C C5    . U   B 2 2 ? -7.518  0.857  2.086  1.00 43.57 ? 10 U   B C5    1 
ATOM   205 C C6    . U   B 2 2 ? -8.581  0.044  1.995  1.00 44.68 ? 10 U   B C6    1 
ATOM   206 P P     . A   B 2 3 ? -8.458  -5.261 1.045  1.00 50.28 ? 11 A   B P     1 
ATOM   207 O OP1   . A   B 2 3 ? -8.737  -6.730 1.035  1.00 52.53 ? 11 A   B OP1   1 
ATOM   208 O OP2   . A   B 2 3 ? -7.349  -4.723 1.894  1.00 48.95 ? 11 A   B OP2   1 
ATOM   209 O "O5'" . A   B 2 3 ? -8.166  -4.758 -0.438 1.00 46.90 ? 11 A   B "O5'" 1 
ATOM   210 C "C5'" . A   B 2 3 ? -8.906  -5.238 -1.536 1.00 44.85 ? 11 A   B "C5'" 1 
ATOM   211 C "C4'" . A   B 2 3 ? -8.476  -4.504 -2.769 1.00 43.84 ? 11 A   B "C4'" 1 
ATOM   212 O "O4'" . A   B 2 3 ? -8.599  -3.078 -2.501 1.00 41.52 ? 11 A   B "O4'" 1 
ATOM   213 C "C3'" . A   B 2 3 ? -7.001  -4.613 -3.146 1.00 44.16 ? 11 A   B "C3'" 1 
ATOM   214 O "O3'" . A   B 2 3 ? -6.648  -5.862 -3.770 1.00 43.70 ? 11 A   B "O3'" 1 
ATOM   215 C "C2'" . A   B 2 3 ? -6.883  -3.418 -4.081 1.00 42.77 ? 11 A   B "C2'" 1 
ATOM   216 O "O2'" . A   B 2 3 ? -7.570  -3.658 -5.290 1.00 47.99 ? 11 A   B "O2'" 1 
ATOM   217 C "C1'" . A   B 2 3 ? -7.632  -2.353 -3.280 1.00 42.28 ? 11 A   B "C1'" 1 
ATOM   218 N N9    . A   B 2 3 ? -6.726  -1.620 -2.369 1.00 36.93 ? 11 A   B N9    1 
ATOM   219 C C8    . A   B 2 3 ? -6.515  -1.865 -1.030 1.00 35.23 ? 11 A   B C8    1 
ATOM   220 N N7    . A   B 2 3 ? -5.661  -1.039 -0.459 1.00 37.61 ? 11 A   B N7    1 
ATOM   221 C C5    . A   B 2 3 ? -5.283  -0.183 -1.492 1.00 34.91 ? 11 A   B C5    1 
ATOM   222 C C6    . A   B 2 3 ? -4.391  0.937  -1.548 1.00 33.31 ? 11 A   B C6    1 
ATOM   223 N N6    . A   B 2 3 ? -3.751  1.450  -0.493 1.00 30.17 ? 11 A   B N6    1 
ATOM   224 N N1    . A   B 2 3 ? -4.198  1.523  -2.750 1.00 33.62 ? 11 A   B N1    1 
ATOM   225 C C2    . A   B 2 3 ? -4.868  1.045  -3.817 1.00 34.50 ? 11 A   B C2    1 
ATOM   226 N N3    . A   B 2 3 ? -5.745  0.037  -3.884 1.00 35.80 ? 11 A   B N3    1 
ATOM   227 C C4    . A   B 2 3 ? -5.915  -0.544 -2.683 1.00 35.42 ? 11 A   B C4    1 
ATOM   228 P P     . G   B 2 4 ? -5.185  -6.515 -3.526 1.00 41.92 ? 12 G   B P     1 
ATOM   229 O OP1   . G   B 2 4 ? -5.242  -7.926 -3.972 1.00 43.62 ? 12 G   B OP1   1 
ATOM   230 O OP2   . G   B 2 4 ? -4.796  -6.224 -2.139 1.00 44.38 ? 12 G   B OP2   1 
ATOM   231 O "O5'" . G   B 2 4 ? -4.237  -5.685 -4.511 1.00 40.67 ? 12 G   B "O5'" 1 
ATOM   232 C "C5'" . G   B 2 4 ? -4.580  -5.534 -5.894 1.00 42.21 ? 12 G   B "C5'" 1 
ATOM   233 C "C4'" . G   B 2 4 ? -3.771  -4.436 -6.573 1.00 41.77 ? 12 G   B "C4'" 1 
ATOM   234 O "O4'" . G   B 2 4 ? -4.171  -3.124 -6.106 1.00 41.97 ? 12 G   B "O4'" 1 
ATOM   235 C "C3'" . G   B 2 4 ? -2.255  -4.407 -6.433 1.00 42.73 ? 12 G   B "C3'" 1 
ATOM   236 O "O3'" . G   B 2 4 ? -1.599  -5.389 -7.239 1.00 45.99 ? 12 G   B "O3'" 1 
ATOM   237 C "C2'" . G   B 2 4 ? -1.969  -3.011 -6.958 1.00 41.99 ? 12 G   B "C2'" 1 
ATOM   238 O "O2'" . G   B 2 4 ? -2.119  -2.897 -8.361 1.00 45.40 ? 12 G   B "O2'" 1 
ATOM   239 C "C1'" . G   B 2 4 ? -3.084  -2.217 -6.284 1.00 41.01 ? 12 G   B "C1'" 1 
ATOM   240 N N9    . G   B 2 4 ? -2.633  -1.734 -4.978 1.00 36.93 ? 12 G   B N9    1 
ATOM   241 C C8    . G   B 2 4 ? -2.921  -2.263 -3.745 1.00 35.54 ? 12 G   B C8    1 
ATOM   242 N N7    . G   B 2 4 ? -2.393  -1.570 -2.757 1.00 36.51 ? 12 G   B N7    1 
ATOM   243 C C5    . G   B 2 4 ? -1.698  -0.530 -3.384 1.00 35.41 ? 12 G   B C5    1 
ATOM   244 C C6    . G   B 2 4 ? -0.893  0.569  -2.829 1.00 36.49 ? 12 G   B C6    1 
ATOM   245 O O6    . G   B 2 4 ? -0.653  0.858  -1.635 1.00 34.49 ? 12 G   B O6    1 
ATOM   246 N N1    . G   B 2 4 ? -0.344  1.363  -3.832 1.00 31.38 ? 12 G   B N1    1 
ATOM   247 C C2    . G   B 2 4 ? -0.511  1.153  -5.168 1.00 36.35 ? 12 G   B C2    1 
ATOM   248 N N2    . G   B 2 4 ? 0.191   2.014  -5.974 1.00 35.63 ? 12 G   B N2    1 
ATOM   249 N N3    . G   B 2 4 ? -1.279  0.169  -5.696 1.00 33.83 ? 12 G   B N3    1 
ATOM   250 C C4    . G   B 2 4 ? -1.823  -0.624 -4.753 1.00 33.90 ? 12 G   B C4    1 
ATOM   251 P P     . G   B 2 5 ? -0.260  -6.135 -6.705 1.00 43.38 ? 13 G   B P     1 
ATOM   252 O OP1   . G   B 2 5 ? -0.063  -7.193 -7.710 1.00 51.04 ? 13 G   B OP1   1 
ATOM   253 O OP2   . G   B 2 5 ? -0.289  -6.519 -5.292 1.00 45.00 ? 13 G   B OP2   1 
ATOM   254 O "O5'" . G   B 2 5 ? 0.845   -5.007 -6.888 1.00 42.45 ? 13 G   B "O5'" 1 
ATOM   255 C "C5'" . G   B 2 5 ? 0.913   -4.261 -8.099 1.00 41.30 ? 13 G   B "C5'" 1 
ATOM   256 C "C4'" . G   B 2 5 ? 1.868   -3.113 -7.947 1.00 37.29 ? 13 G   B "C4'" 1 
ATOM   257 O "O4'" . G   B 2 5 ? 1.279   -2.087 -7.113 1.00 37.18 ? 13 G   B "O4'" 1 
ATOM   258 C "C3'" . G   B 2 5 ? 3.141   -3.455 -7.190 1.00 37.44 ? 13 G   B "C3'" 1 
ATOM   259 O "O3'" . G   B 2 5 ? 4.096   -4.042 -8.043 1.00 34.46 ? 13 G   B "O3'" 1 
ATOM   260 C "C2'" . G   B 2 5 ? 3.632   -2.077 -6.823 1.00 35.81 ? 13 G   B "C2'" 1 
ATOM   261 O "O2'" . G   B 2 5 ? 4.184   -1.499 -7.968 1.00 37.00 ? 13 G   B "O2'" 1 
ATOM   262 C "C1'" . G   B 2 5 ? 2.328   -1.377 -6.460 1.00 36.58 ? 13 G   B "C1'" 1 
ATOM   263 N N9    . G   B 2 5 ? 2.128   -1.387 -5.010 1.00 34.58 ? 13 G   B N9    1 
ATOM   264 C C8    . G   B 2 5 ? 1.356   -2.233 -4.250 1.00 31.42 ? 13 G   B C8    1 
ATOM   265 N N7    . G   B 2 5 ? 1.375   -1.916 -2.962 1.00 32.98 ? 13 G   B N7    1 
ATOM   266 C C5    . G   B 2 5 ? 2.212   -0.791 -2.884 1.00 33.79 ? 13 G   B C5    1 
ATOM   267 C C6    . G   B 2 5 ? 2.668   0.040  -1.718 1.00 33.45 ? 13 G   B C6    1 
ATOM   268 O O6    . G   B 2 5 ? 2.335   -0.013 -0.549 1.00 30.76 ? 13 G   B O6    1 
ATOM   269 N N1    . G   B 2 5 ? 3.594   1.015  -2.105 1.00 31.79 ? 13 G   B N1    1 
ATOM   270 C C2    . G   B 2 5 ? 4.015   1.217  -3.403 1.00 36.33 ? 13 G   B C2    1 
ATOM   271 N N2    . G   B 2 5 ? 4.944   2.173  -3.575 1.00 31.34 ? 13 G   B N2    1 
ATOM   272 N N3    . G   B 2 5 ? 3.574   0.521  -4.467 1.00 34.91 ? 13 G   B N3    1 
ATOM   273 C C4    . G   B 2 5 ? 2.702   -0.468 -4.131 1.00 30.77 ? 13 G   B C4    1 
ATOM   274 P P     . C   B 2 6 ? 5.197   -5.060 -7.454 1.00 36.79 ? 14 C   B P     1 
ATOM   275 O OP1   . C   B 2 6 ? 5.999   -5.494 -8.627 1.00 39.82 ? 14 C   B OP1   1 
ATOM   276 O OP2   . C   B 2 6 ? 4.573   -6.099 -6.606 1.00 35.76 ? 14 C   B OP2   1 
ATOM   277 O "O5'" . C   B 2 6 ? 6.161   -4.138 -6.588 1.00 35.35 ? 14 C   B "O5'" 1 
ATOM   278 C "C5'" . C   B 2 6 ? 7.099   -3.283 -7.228 1.00 34.25 ? 14 C   B "C5'" 1 
ATOM   279 C "C4'" . C   B 2 6 ? 7.824   -2.454 -6.194 1.00 33.43 ? 14 C   B "C4'" 1 
ATOM   280 O "O4'" . C   B 2 6 ? 6.867   -1.583 -5.513 1.00 31.95 ? 14 C   B "O4'" 1 
ATOM   281 C "C3'" . C   B 2 6 ? 8.447   -3.231 -5.048 1.00 31.51 ? 14 C   B "C3'" 1 
ATOM   282 O "O3'" . C   B 2 6 ? 9.694   -3.852 -5.377 1.00 30.65 ? 14 C   B "O3'" 1 
ATOM   283 C "C2'" . C   B 2 6 ? 8.587   -2.126 -4.011 1.00 27.22 ? 14 C   B "C2'" 1 
ATOM   284 O "O2'" . C   B 2 6 ? 9.599   -1.212 -4.347 1.00 29.66 ? 14 C   B "O2'" 1 
ATOM   285 C "C1'" . C   B 2 6 ? 7.245   -1.409 -4.161 1.00 29.39 ? 14 C   B "C1'" 1 
ATOM   286 N N1    . C   B 2 6 ? 6.223   -2.012 -3.285 1.00 26.46 ? 14 C   B N1    1 
ATOM   287 C C2    . C   B 2 6 ? 6.100   -1.516 -1.983 1.00 28.89 ? 14 C   B C2    1 
ATOM   288 O O2    . C   B 2 6 ? 6.839   -0.605 -1.642 1.00 29.22 ? 14 C   B O2    1 
ATOM   289 N N3    . C   B 2 6 ? 5.168   -2.052 -1.144 1.00 25.79 ? 14 C   B N3    1 
ATOM   290 C C4    . C   B 2 6 ? 4.362   -3.027 -1.581 1.00 27.68 ? 14 C   B C4    1 
ATOM   291 N N4    . C   B 2 6 ? 3.391   -3.488 -0.760 1.00 26.47 ? 14 C   B N4    1 
ATOM   292 C C5    . C   B 2 6 ? 4.484   -3.573 -2.887 1.00 25.87 ? 14 C   B C5    1 
ATOM   293 C C6    . C   B 2 6 ? 5.422   -3.031 -3.702 1.00 30.47 ? 14 C   B C6    1 
ATOM   294 P P     . A   B 2 7 ? 10.112  -5.245 -4.679 1.00 37.18 ? 15 A   B P     1 
ATOM   295 O OP1   . A   B 2 7 ? 11.336  -5.680 -5.385 1.00 35.66 ? 15 A   B OP1   1 
ATOM   296 O OP2   . A   B 2 7 ? 8.958   -6.191 -4.567 1.00 33.90 ? 15 A   B OP2   1 
ATOM   297 O "O5'" . A   B 2 7 ? 10.554  -4.846 -3.173 1.00 32.19 ? 15 A   B "O5'" 1 
ATOM   298 C "C5'" . A   B 2 7 ? 11.607  -3.887 -2.912 1.00 31.57 ? 15 A   B "C5'" 1 
ATOM   299 C "C4'" . A   B 2 7 ? 11.716  -3.583 -1.412 1.00 29.83 ? 15 A   B "C4'" 1 
ATOM   300 O "O4'" . A   B 2 7 ? 10.596  -2.770 -0.963 1.00 29.87 ? 15 A   B "O4'" 1 
ATOM   301 C "C3'" . A   B 2 7 ? 11.710  -4.777 -0.453 1.00 28.84 ? 15 A   B "C3'" 1 
ATOM   302 O "O3'" . A   B 2 7 ? 12.986  -5.417 -0.365 1.00 32.74 ? 15 A   B "O3'" 1 
ATOM   303 C "C2'" . A   B 2 7 ? 11.315  -4.120 0.863  1.00 27.86 ? 15 A   B "C2'" 1 
ATOM   304 O "O2'" . A   B 2 7 ? 12.421  -3.434 1.450  1.00 27.25 ? 15 A   B "O2'" 1 
ATOM   305 C "C1'" . A   B 2 7 ? 10.255  -3.137 0.383  1.00 28.99 ? 15 A   B "C1'" 1 
ATOM   306 N N9    . A   B 2 7 ? 8.907   -3.733 0.398  1.00 26.69 ? 15 A   B N9    1 
ATOM   307 C C8    . A   B 2 7 ? 8.209   -4.321 -0.637 1.00 27.03 ? 15 A   B C8    1 
ATOM   308 N N7    . A   B 2 7 ? 7.000   -4.709 -0.310 1.00 25.53 ? 15 A   B N7    1 
ATOM   309 C C5    . A   B 2 7 ? 6.900   -4.381 1.049  1.00 23.77 ? 15 A   B C5    1 
ATOM   310 C C6    . A   B 2 7 ? 5.867   -4.546 2.000  1.00 25.48 ? 15 A   B C6    1 
ATOM   311 N N6    . A   B 2 7 ? 4.651   -5.058 1.714  1.00 24.48 ? 15 A   B N6    1 
ATOM   312 N N1    . A   B 2 7 ? 6.109   -4.152 3.264  1.00 23.16 ? 15 A   B N1    1 
ATOM   313 C C2    . A   B 2 7 ? 7.303   -3.614 3.558  1.00 28.18 ? 15 A   B C2    1 
ATOM   314 N N3    . A   B 2 7 ? 8.343   -3.373 2.751  1.00 26.30 ? 15 A   B N3    1 
ATOM   315 C C4    . A   B 2 7 ? 8.072   -3.794 1.494  1.00 26.90 ? 15 A   B C4    1 
ATOM   316 P P     . C   B 2 8 ? 13.078  -7.016 -0.186 1.00 38.20 ? 16 C   B P     1 
ATOM   317 O OP1   . C   B 2 8 ? 14.497  -7.493 -0.278 1.00 38.15 ? 16 C   B OP1   1 
ATOM   318 O OP2   . C   B 2 8 ? 12.050  -7.638 -1.067 1.00 37.18 ? 16 C   B OP2   1 
ATOM   319 O "O5'" . C   B 2 8 ? 12.676  -7.226 1.342  1.00 34.51 ? 16 C   B "O5'" 1 
ATOM   320 C "C5'" . C   B 2 8 ? 13.361  -6.521 2.351  1.00 35.32 ? 16 C   B "C5'" 1 
ATOM   321 C "C4'" . C   B 2 8 ? 12.620  -6.608 3.651  1.00 35.95 ? 16 C   B "C4'" 1 
ATOM   322 O "O4'" . C   B 2 8 ? 11.368  -5.900 3.557  1.00 35.98 ? 16 C   B "O4'" 1 
ATOM   323 C "C3'" . C   B 2 8 ? 12.239  -7.998 4.138  1.00 39.24 ? 16 C   B "C3'" 1 
ATOM   324 O "O3'" . C   B 2 8 ? 13.340  -8.609 4.797  1.00 41.66 ? 16 C   B "O3'" 1 
ATOM   325 C "C2'" . C   B 2 8 ? 11.131  -7.684 5.126  1.00 40.50 ? 16 C   B "C2'" 1 
ATOM   326 O "O2'" . C   B 2 8 ? 11.622  -7.191 6.373  1.00 42.08 ? 16 C   B "O2'" 1 
ATOM   327 C "C1'" . C   B 2 8 ? 10.418  -6.543 4.397  1.00 36.71 ? 16 C   B "C1'" 1 
ATOM   328 N N1    . C   B 2 8 ? 9.290   -7.002 3.588  1.00 31.24 ? 16 C   B N1    1 
ATOM   329 C C2    . C   B 2 8 ? 8.094   -7.138 4.226  1.00 28.24 ? 16 C   B C2    1 
ATOM   330 O O2    . C   B 2 8 ? 8.047   -6.908 5.449  1.00 29.41 ? 16 C   B O2    1 
ATOM   331 N N3    . C   B 2 8 ? 7.011   -7.488 3.540  1.00 26.34 ? 16 C   B N3    1 
ATOM   332 C C4    . C   B 2 8 ? 7.076   -7.673 2.224  1.00 26.20 ? 16 C   B C4    1 
ATOM   333 N N4    . C   B 2 8 ? 5.944   -7.914 1.591  1.00 22.44 ? 16 C   B N4    1 
ATOM   334 C C5    . C   B 2 8 ? 8.308   -7.583 1.513  1.00 24.25 ? 16 C   B C5    1 
ATOM   335 C C6    . C   B 2 8 ? 9.399   -7.252 2.241  1.00 28.57 ? 16 C   B C6    1 
HETATM 336 O O     . HOH C 3 . ? -2.723  -0.883 7.035  1.00 67.74 ? 17 HOH A O     1 
HETATM 337 O O     . HOH C 3 . ? -1.940  0.927  2.371  1.00 49.94 ? 18 HOH A O     1 
HETATM 338 O O     . HOH C 3 . ? -16.548 6.379  -4.538 1.00 39.13 ? 19 HOH A O     1 
HETATM 339 O O     . HOH C 3 . ? -4.087  7.558  -1.811 1.00 42.60 ? 22 HOH A O     1 
HETATM 340 O O     . HOH C 3 . ? -0.075  7.911  0.164  1.00 47.10 ? 23 HOH A O     1 
HETATM 341 O O     . HOH C 3 . ? -3.585  2.156  -7.461 1.00 54.61 ? 24 HOH A O     1 
HETATM 342 O O     . HOH C 3 . ? 2.869   5.326  9.887  1.00 49.63 ? 26 HOH A O     1 
HETATM 343 O O     . HOH C 3 . ? 4.956   10.692 -4.965 1.00 63.16 ? 28 HOH A O     1 
HETATM 344 O O     . HOH C 3 . ? 7.553   1.118  10.318 1.00 42.85 ? 30 HOH A O     1 
HETATM 345 O O     . HOH C 3 . ? 10.045  0.845  7.293  0.33 20.35 ? 32 HOH A O     1 
HETATM 346 O O     . HOH C 3 . ? -1.922  9.607  -2.443 1.00 54.09 ? 33 HOH A O     1 
HETATM 347 O O     . HOH C 3 . ? 7.992   10.872 -1.314 1.00 44.65 ? 38 HOH A O     1 
HETATM 348 O O     . HOH C 3 . ? 7.232   11.421 1.904  1.00 65.01 ? 40 HOH A O     1 
HETATM 349 O O     . HOH C 3 . ? -0.263  2.494  12.413 1.00 60.08 ? 44 HOH A O     1 
HETATM 350 O O     . HOH C 3 . ? -4.595  10.031 0.455  1.00 60.78 ? 45 HOH A O     1 
HETATM 351 O O     . HOH C 3 . ? -1.557  -4.578 5.894  1.00 58.53 ? 46 HOH A O     1 
HETATM 352 O O     . HOH D 3 . ? 9.097   -7.750 -1.939 1.00 38.78 ? 20 HOH B O     1 
HETATM 353 O O     . HOH D 3 . ? 1.937   -5.678 -1.188 1.00 51.21 ? 21 HOH B O     1 
HETATM 354 O O     . HOH D 3 . ? -0.527  -0.599 0.867  1.00 37.26 ? 25 HOH B O     1 
HETATM 355 O O     . HOH D 3 . ? 13.484  -3.151 4.020  1.00 44.17 ? 27 HOH B O     1 
HETATM 356 O O     . HOH D 3 . ? -4.200  -4.190 -0.177 1.00 53.52 ? 29 HOH B O     1 
HETATM 357 O O     . HOH D 3 . ? -2.522  -1.836 -0.221 0.33 15.71 ? 31 HOH B O     1 
HETATM 358 O O     . HOH D 3 . ? -4.038  4.563  2.641  1.00 51.39 ? 34 HOH B O     1 
HETATM 359 O O     . HOH D 3 . ? 5.503   -6.810 -1.825 1.00 39.12 ? 35 HOH B O     1 
HETATM 360 O O     . HOH D 3 . ? 0.438   -3.202 -0.929 1.00 31.24 ? 36 HOH B O     1 
HETATM 361 O O     . HOH D 3 . ? 2.261   -6.491 -4.070 1.00 37.10 ? 37 HOH B O     1 
HETATM 362 O O     . HOH D 3 . ? 8.447   1.428  -2.983 1.00 55.97 ? 39 HOH B O     1 
HETATM 363 O O     . HOH D 3 . ? -10.636 0.257  -4.607 1.00 52.78 ? 41 HOH B O     1 
HETATM 364 O O     . HOH D 3 . ? -8.960  -7.571 -5.376 1.00 50.65 ? 42 HOH B O     1 
HETATM 365 O O     . HOH D 3 . ? -2.610  -2.519 2.331  1.00 64.79 ? 43 HOH B O     1 
# 
